data_1AY8
#
_entry.id   1AY8
#
_cell.length_a   124.230
_cell.length_b   121.810
_cell.length_c   55.270
_cell.angle_alpha   90.00
_cell.angle_beta   90.00
_cell.angle_gamma   90.00
#
_symmetry.space_group_name_H-M   'P 21 21 21'
#
loop_
_entity.id
_entity.type
_entity.pdbx_description
1 polymer 'AROMATIC AMINO ACID AMINOTRANSFERASE'
2 non-polymer "PYRIDOXAL-5'-PHOSPHATE"
3 non-polymer 'HYDROCINNAMIC ACID'
4 water water
#
_entity_poly.entity_id   1
_entity_poly.type   'polypeptide(L)'
_entity_poly.pdbx_seq_one_letter_code
;MLGNLKPQAPDKILALMGEFRADPRQGKIDLGVGVYKDATGHTPIMRAVHAAEQRMLETETTKTYAGLSGEPEFQKAMGE
LILGDGLKSETTATLATVGGTGALRQALELARMANPDLRVFVSDPTWPNHVSIMNFMGLPVQTYRYFDAETRGVDFEGMK
ADLAAAKKGDMVLLHGCCHNPTGANLTLDQWAEIASILEKTGALPLIDLAYQGFGDGLEEDAAGTRLIASRIPEVLIAAS
CSKNFGIYRERTGCLLALCADAATRELAQGAMAFLNRQTYSFPPFHGAKIVSTVLTTPELRADWMAELEAVRSGMLRLRE
QLAGELRDLSGSDRFGFVAEHRGMFSRLGATPEQVKRIKEEFGIYMVGDSRINIAGLNDNTIPILARAIIEVGV
;
_entity_poly.pdbx_strand_id   A,B
#
# COMPACT_ATOMS: atom_id res chain seq x y z
N MET A 1 -9.80 16.13 -19.60
CA MET A 1 -9.42 14.72 -19.89
C MET A 1 -10.18 13.74 -19.01
N LEU A 2 -10.23 14.02 -17.71
CA LEU A 2 -10.90 13.15 -16.76
C LEU A 2 -12.39 12.88 -17.03
N GLY A 3 -12.97 13.61 -17.97
CA GLY A 3 -14.37 13.42 -18.30
C GLY A 3 -14.61 12.16 -19.11
N ASN A 4 -13.55 11.66 -19.73
CA ASN A 4 -13.61 10.45 -20.55
C ASN A 4 -13.60 9.19 -19.69
N LEU A 5 -13.37 9.39 -18.39
CA LEU A 5 -13.32 8.32 -17.42
C LEU A 5 -14.63 7.52 -17.37
N LYS A 6 -14.54 6.21 -17.52
CA LYS A 6 -15.73 5.37 -17.46
C LYS A 6 -16.10 5.21 -15.98
N PRO A 7 -17.39 5.27 -15.65
CA PRO A 7 -17.82 5.14 -14.26
C PRO A 7 -17.52 3.76 -13.67
N GLN A 8 -16.94 3.75 -12.48
CA GLN A 8 -16.60 2.51 -11.79
C GLN A 8 -17.64 2.23 -10.72
N ALA A 9 -18.08 0.98 -10.66
CA ALA A 9 -19.07 0.55 -9.68
C ALA A 9 -18.54 0.57 -8.26
N PRO A 10 -19.38 0.94 -7.29
CA PRO A 10 -19.03 1.00 -5.87
C PRO A 10 -18.70 -0.39 -5.33
N ASP A 11 -18.22 -0.46 -4.08
CA ASP A 11 -17.86 -1.74 -3.45
C ASP A 11 -19.02 -2.74 -3.42
N LYS A 12 -20.12 -2.29 -2.84
CA LYS A 12 -21.37 -3.04 -2.67
C LYS A 12 -21.59 -3.36 -1.20
N ILE A 13 -20.48 -3.41 -0.44
CA ILE A 13 -20.53 -3.66 1.00
C ILE A 13 -21.33 -2.53 1.65
N LEU A 14 -21.41 -1.41 0.95
CA LEU A 14 -22.12 -0.23 1.44
C LEU A 14 -23.59 -0.17 1.04
N ALA A 15 -23.94 -0.76 -0.11
CA ALA A 15 -25.32 -0.76 -0.58
C ALA A 15 -26.13 -1.60 0.40
N LEU A 16 -25.53 -2.71 0.83
CA LEU A 16 -26.16 -3.61 1.78
C LEU A 16 -26.27 -2.88 3.12
N MET A 17 -25.23 -2.10 3.42
CA MET A 17 -25.17 -1.32 4.66
C MET A 17 -26.24 -0.23 4.72
N GLY A 18 -26.39 0.51 3.63
CA GLY A 18 -27.39 1.57 3.58
C GLY A 18 -28.79 1.04 3.75
N GLU A 19 -29.04 -0.12 3.16
CA GLU A 19 -30.35 -0.77 3.25
C GLU A 19 -30.63 -1.21 4.69
N PHE A 20 -29.64 -1.86 5.29
CA PHE A 20 -29.76 -2.33 6.66
C PHE A 20 -30.04 -1.18 7.62
N ARG A 21 -29.29 -0.09 7.49
CA ARG A 21 -29.47 1.08 8.34
C ARG A 21 -30.83 1.73 8.15
N ALA A 22 -31.33 1.72 6.93
CA ALA A 22 -32.61 2.32 6.62
C ALA A 22 -33.79 1.55 7.23
N ASP A 23 -33.59 0.27 7.55
CA ASP A 23 -34.64 -0.57 8.12
C ASP A 23 -35.01 -0.12 9.53
N PRO A 24 -36.27 0.30 9.73
CA PRO A 24 -36.75 0.76 11.03
C PRO A 24 -37.13 -0.35 12.02
N ARG A 25 -36.81 -1.59 11.67
CA ARG A 25 -37.14 -2.72 12.55
C ARG A 25 -36.14 -2.85 13.70
N GLN A 26 -36.68 -2.95 14.92
CA GLN A 26 -35.87 -3.08 16.11
C GLN A 26 -35.09 -4.39 16.16
N GLY A 27 -35.69 -5.45 15.64
CA GLY A 27 -35.04 -6.75 15.66
C GLY A 27 -34.20 -7.12 14.45
N LYS A 28 -33.77 -6.12 13.67
CA LYS A 28 -32.97 -6.43 12.48
C LYS A 28 -31.60 -6.99 12.86
N ILE A 29 -31.14 -7.96 12.09
CA ILE A 29 -29.85 -8.61 12.32
C ILE A 29 -28.98 -8.49 11.06
N ASP A 30 -27.67 -8.30 11.24
CA ASP A 30 -26.76 -8.18 10.12
C ASP A 30 -25.74 -9.32 10.08
N LEU A 31 -25.95 -10.28 9.19
CA LEU A 31 -25.05 -11.41 9.03
C LEU A 31 -24.20 -11.25 7.79
N GLY A 32 -24.20 -10.03 7.25
CA GLY A 32 -23.42 -9.75 6.06
C GLY A 32 -22.06 -9.16 6.36
N VAL A 33 -21.78 -8.85 7.63
CA VAL A 33 -20.50 -8.29 8.02
C VAL A 33 -19.34 -9.21 7.65
N GLY A 34 -18.23 -8.63 7.20
CA GLY A 34 -17.08 -9.41 6.80
C GLY A 34 -15.90 -9.37 7.74
N VAL A 35 -16.13 -9.01 8.99
CA VAL A 35 -15.06 -8.94 9.98
C VAL A 35 -15.57 -9.61 11.25
N TYR A 36 -14.65 -9.92 12.15
CA TYR A 36 -15.03 -10.54 13.40
C TYR A 36 -15.65 -9.52 14.35
N LYS A 37 -16.68 -9.94 15.08
CA LYS A 37 -17.35 -9.09 16.05
C LYS A 37 -17.57 -9.96 17.27
N ASP A 38 -17.30 -9.45 18.46
CA ASP A 38 -17.52 -10.22 19.67
C ASP A 38 -18.98 -10.22 20.09
N ALA A 39 -19.25 -10.69 21.29
CA ALA A 39 -20.60 -10.77 21.83
C ALA A 39 -21.34 -9.44 21.87
N THR A 40 -20.60 -8.35 22.11
CA THR A 40 -21.19 -7.02 22.18
C THR A 40 -21.30 -6.31 20.83
N GLY A 41 -20.99 -7.03 19.76
CA GLY A 41 -21.05 -6.47 18.43
C GLY A 41 -19.92 -5.50 18.13
N HIS A 42 -18.76 -5.75 18.72
CA HIS A 42 -17.59 -4.89 18.50
C HIS A 42 -16.43 -5.70 17.94
N THR A 43 -15.53 -5.01 17.25
CA THR A 43 -14.32 -5.63 16.69
C THR A 43 -13.16 -5.07 17.51
N PRO A 44 -12.83 -5.74 18.62
CA PRO A 44 -11.75 -5.30 19.51
C PRO A 44 -10.35 -5.35 18.95
N ILE A 45 -9.43 -4.75 19.70
CA ILE A 45 -8.02 -4.75 19.37
C ILE A 45 -7.48 -5.83 20.31
N MET A 46 -6.81 -6.82 19.75
CA MET A 46 -6.26 -7.89 20.56
C MET A 46 -5.28 -7.36 21.61
N ARG A 47 -5.34 -7.94 22.80
CA ARG A 47 -4.50 -7.53 23.93
C ARG A 47 -3.01 -7.42 23.59
N ALA A 48 -2.49 -8.48 22.96
CA ALA A 48 -1.08 -8.51 22.59
C ALA A 48 -0.73 -7.41 21.60
N VAL A 49 -1.68 -7.07 20.73
CA VAL A 49 -1.47 -6.01 19.74
C VAL A 49 -1.38 -4.65 20.44
N HIS A 50 -2.24 -4.41 21.42
CA HIS A 50 -2.21 -3.16 22.15
C HIS A 50 -0.92 -3.08 22.95
N ALA A 51 -0.43 -4.24 23.37
CA ALA A 51 0.81 -4.31 24.16
C ALA A 51 1.98 -3.97 23.26
N ALA A 52 1.96 -4.48 22.03
CA ALA A 52 3.03 -4.22 21.07
C ALA A 52 3.10 -2.73 20.71
N GLU A 53 1.95 -2.10 20.55
CA GLU A 53 1.91 -0.68 20.22
C GLU A 53 2.46 0.20 21.34
N GLN A 54 2.21 -0.17 22.59
CA GLN A 54 2.73 0.58 23.73
C GLN A 54 4.25 0.45 23.69
N ARG A 55 4.70 -0.77 23.43
CA ARG A 55 6.11 -1.10 23.37
C ARG A 55 6.84 -0.35 22.26
N MET A 56 6.21 -0.28 21.09
CA MET A 56 6.80 0.41 19.94
C MET A 56 6.92 1.91 20.21
N LEU A 57 5.91 2.47 20.86
CA LEU A 57 5.86 3.90 21.18
C LEU A 57 6.99 4.32 22.12
N GLU A 58 7.52 3.37 22.88
CA GLU A 58 8.59 3.65 23.83
C GLU A 58 9.98 3.30 23.32
N THR A 59 10.07 2.39 22.36
CA THR A 59 11.37 1.97 21.87
C THR A 59 11.80 2.57 20.53
N GLU A 60 10.83 2.89 19.69
CA GLU A 60 11.15 3.45 18.38
C GLU A 60 11.69 4.88 18.52
N THR A 61 12.83 5.12 17.87
CA THR A 61 13.49 6.43 17.91
C THR A 61 13.47 7.15 16.57
N THR A 62 13.11 6.44 15.51
CA THR A 62 13.09 7.03 14.19
C THR A 62 12.03 6.38 13.32
N LYS A 63 11.69 7.07 12.23
CA LYS A 63 10.72 6.59 11.26
C LYS A 63 11.28 6.73 9.87
N THR A 64 12.61 6.72 9.77
CA THR A 64 13.28 6.83 8.47
C THR A 64 12.90 5.65 7.60
N TYR A 65 13.24 5.72 6.33
CA TYR A 65 12.95 4.62 5.41
C TYR A 65 13.59 3.34 5.97
N ALA A 66 12.86 2.24 5.87
CA ALA A 66 13.32 0.96 6.36
C ALA A 66 13.56 -0.01 5.21
N GLY A 67 13.23 -1.29 5.41
CA GLY A 67 13.44 -2.28 4.37
C GLY A 67 12.46 -2.24 3.22
N LEU A 68 12.98 -2.20 2.01
CA LEU A 68 12.18 -2.16 0.80
C LEU A 68 11.18 -3.31 0.69
N SER A 69 11.66 -4.52 0.97
CA SER A 69 10.80 -5.70 0.88
C SER A 69 10.30 -6.16 2.25
N GLY A 70 10.47 -5.30 3.24
CA GLY A 70 10.05 -5.60 4.59
C GLY A 70 11.25 -5.74 5.51
N GLU A 71 10.97 -5.88 6.81
CA GLU A 71 12.00 -6.05 7.81
C GLU A 71 12.26 -7.54 8.01
N PRO A 72 13.54 -7.92 8.13
CA PRO A 72 13.94 -9.31 8.34
C PRO A 72 13.16 -10.00 9.45
N GLU A 73 13.00 -9.33 10.58
CA GLU A 73 12.26 -9.90 11.72
C GLU A 73 10.86 -10.31 11.31
N PHE A 74 10.23 -9.50 10.46
CA PHE A 74 8.88 -9.78 9.99
C PHE A 74 8.87 -10.92 9.00
N GLN A 75 9.75 -10.85 8.01
CA GLN A 75 9.85 -11.87 6.96
C GLN A 75 10.10 -13.26 7.54
N LYS A 76 11.01 -13.34 8.50
CA LYS A 76 11.34 -14.60 9.13
C LYS A 76 10.22 -15.10 10.03
N ALA A 77 9.69 -14.21 10.87
CA ALA A 77 8.61 -14.59 11.77
C ALA A 77 7.37 -15.06 10.99
N MET A 78 7.05 -14.38 9.91
CA MET A 78 5.90 -14.78 9.10
C MET A 78 6.15 -16.11 8.42
N GLY A 79 7.36 -16.31 7.91
CA GLY A 79 7.69 -17.56 7.25
C GLY A 79 7.60 -18.74 8.19
N GLU A 80 8.06 -18.55 9.43
CA GLU A 80 8.01 -19.60 10.43
C GLU A 80 6.58 -19.89 10.88
N LEU A 81 5.77 -18.84 10.97
CA LEU A 81 4.38 -18.99 11.39
C LEU A 81 3.58 -19.82 10.39
N ILE A 82 3.84 -19.57 9.11
CA ILE A 82 3.16 -20.28 8.03
C ILE A 82 3.73 -21.66 7.71
N LEU A 83 5.05 -21.74 7.52
CA LEU A 83 5.70 -22.99 7.15
C LEU A 83 6.34 -23.78 8.27
N GLY A 84 6.30 -23.27 9.49
CA GLY A 84 6.89 -23.96 10.62
C GLY A 84 8.33 -24.35 10.42
N ASP A 85 8.68 -25.58 10.81
CA ASP A 85 10.04 -26.09 10.68
C ASP A 85 10.43 -26.38 9.24
N GLY A 86 9.46 -26.43 8.34
CA GLY A 86 9.75 -26.70 6.95
C GLY A 86 10.27 -25.50 6.15
N LEU A 87 10.44 -24.38 6.82
CA LEU A 87 10.92 -23.18 6.15
C LEU A 87 12.36 -23.31 5.67
N LYS A 88 12.55 -23.21 4.36
CA LYS A 88 13.87 -23.30 3.74
C LYS A 88 14.31 -21.90 3.33
N SER A 89 14.91 -21.17 4.24
CA SER A 89 15.37 -19.82 3.96
C SER A 89 16.18 -19.66 2.67
N GLU A 90 16.92 -20.70 2.30
CA GLU A 90 17.75 -20.68 1.10
C GLU A 90 16.95 -20.53 -0.18
N THR A 91 15.75 -21.11 -0.20
CA THR A 91 14.92 -21.07 -1.40
C THR A 91 13.60 -20.28 -1.26
N THR A 92 13.44 -19.56 -0.17
CA THR A 92 12.24 -18.79 0.05
C THR A 92 12.47 -17.28 -0.02
N ALA A 93 11.74 -16.61 -0.92
CA ALA A 93 11.83 -15.15 -1.06
C ALA A 93 10.60 -14.61 -0.35
N THR A 94 10.76 -13.48 0.34
CA THR A 94 9.64 -12.89 1.07
C THR A 94 9.47 -11.40 0.78
N LEU A 95 8.23 -10.93 0.76
CA LEU A 95 7.93 -9.53 0.48
C LEU A 95 6.78 -9.02 1.35
N ALA A 96 7.03 -7.99 2.15
CA ALA A 96 5.98 -7.40 2.99
C ALA A 96 5.07 -6.66 2.02
N THR A 97 3.77 -6.79 2.22
CA THR A 97 2.82 -6.16 1.33
C THR A 97 1.73 -5.37 2.06
N VAL A 98 0.94 -4.63 1.28
CA VAL A 98 -0.17 -3.84 1.83
C VAL A 98 -1.35 -4.80 1.96
N GLY A 99 -1.37 -5.55 3.06
CA GLY A 99 -2.42 -6.51 3.30
C GLY A 99 -2.33 -7.73 2.38
N GLY A 100 -3.20 -8.70 2.60
CA GLY A 100 -3.22 -9.89 1.76
C GLY A 100 -3.55 -9.56 0.32
N THR A 101 -4.40 -8.56 0.10
CA THR A 101 -4.79 -8.15 -1.24
C THR A 101 -3.55 -7.68 -2.01
N GLY A 102 -2.67 -6.96 -1.32
CA GLY A 102 -1.44 -6.48 -1.93
C GLY A 102 -0.56 -7.67 -2.30
N ALA A 103 -0.53 -8.66 -1.41
CA ALA A 103 0.26 -9.86 -1.66
C ALA A 103 -0.28 -10.58 -2.90
N LEU A 104 -1.61 -10.68 -3.00
CA LEU A 104 -2.26 -11.32 -4.13
C LEU A 104 -1.94 -10.59 -5.43
N ARG A 105 -2.11 -9.28 -5.43
CA ARG A 105 -1.83 -8.46 -6.61
C ARG A 105 -0.38 -8.62 -7.07
N GLN A 106 0.55 -8.60 -6.11
CA GLN A 106 1.96 -8.77 -6.42
C GLN A 106 2.26 -10.17 -6.96
N ALA A 107 1.67 -11.19 -6.35
CA ALA A 107 1.87 -12.59 -6.78
C ALA A 107 1.51 -12.70 -8.27
N LEU A 108 0.39 -12.09 -8.63
CA LEU A 108 -0.12 -12.08 -10.00
C LEU A 108 0.83 -11.32 -10.95
N GLU A 109 1.39 -10.20 -10.48
CA GLU A 109 2.32 -9.41 -11.30
C GLU A 109 3.61 -10.20 -11.52
N LEU A 110 4.05 -10.88 -10.47
CA LEU A 110 5.27 -11.69 -10.52
C LEU A 110 5.11 -12.83 -11.52
N ALA A 111 4.03 -13.60 -11.38
CA ALA A 111 3.77 -14.72 -12.27
C ALA A 111 3.67 -14.27 -13.73
N ARG A 112 2.93 -13.20 -13.99
CA ARG A 112 2.77 -12.68 -15.34
C ARG A 112 4.12 -12.22 -15.87
N MET A 113 4.97 -11.77 -14.96
CA MET A 113 6.30 -11.30 -15.32
C MET A 113 7.16 -12.46 -15.83
N ALA A 114 6.96 -13.64 -15.25
CA ALA A 114 7.70 -14.84 -15.63
C ALA A 114 7.01 -15.63 -16.73
N ASN A 115 5.69 -15.47 -16.84
CA ASN A 115 4.92 -16.19 -17.86
C ASN A 115 3.80 -15.29 -18.39
N PRO A 116 4.03 -14.62 -19.52
CA PRO A 116 3.05 -13.73 -20.13
C PRO A 116 1.74 -14.40 -20.53
N ASP A 117 1.81 -15.67 -20.94
CA ASP A 117 0.61 -16.39 -21.35
C ASP A 117 -0.09 -17.10 -20.19
N LEU A 118 0.10 -16.55 -19.00
CA LEU A 118 -0.48 -17.08 -17.77
C LEU A 118 -2.00 -17.13 -17.78
N ARG A 119 -2.55 -18.25 -17.29
CA ARG A 119 -4.00 -18.41 -17.15
C ARG A 119 -4.19 -18.70 -15.67
N VAL A 120 -5.27 -18.23 -15.08
CA VAL A 120 -5.51 -18.46 -13.66
C VAL A 120 -6.80 -19.23 -13.45
N PHE A 121 -6.74 -20.27 -12.62
CA PHE A 121 -7.90 -21.09 -12.28
C PHE A 121 -8.33 -20.67 -10.87
N VAL A 122 -9.61 -20.35 -10.69
CA VAL A 122 -10.14 -19.96 -9.39
C VAL A 122 -11.33 -20.86 -9.06
N SER A 123 -11.62 -21.03 -7.78
CA SER A 123 -12.72 -21.89 -7.38
C SER A 123 -14.07 -21.29 -7.68
N ASP A 124 -15.06 -22.16 -7.73
CA ASP A 124 -16.44 -21.80 -7.98
C ASP A 124 -17.21 -22.17 -6.71
N PRO A 125 -17.51 -21.18 -5.85
CA PRO A 125 -17.19 -19.76 -5.98
C PRO A 125 -15.90 -19.38 -5.26
N THR A 126 -15.57 -18.10 -5.28
CA THR A 126 -14.38 -17.60 -4.63
C THR A 126 -14.63 -16.17 -4.18
N TRP A 127 -13.68 -15.63 -3.42
CA TRP A 127 -13.74 -14.25 -2.93
C TRP A 127 -13.82 -13.39 -4.19
N PRO A 128 -14.95 -12.68 -4.38
CA PRO A 128 -15.18 -11.82 -5.55
C PRO A 128 -14.02 -10.92 -5.98
N ASN A 129 -13.25 -10.44 -5.01
CA ASN A 129 -12.12 -9.57 -5.28
C ASN A 129 -11.04 -10.23 -6.16
N HIS A 130 -10.94 -11.55 -6.07
CA HIS A 130 -9.96 -12.30 -6.87
C HIS A 130 -10.18 -12.06 -8.36
N VAL A 131 -11.42 -12.26 -8.78
CA VAL A 131 -11.80 -12.09 -10.17
C VAL A 131 -11.71 -10.64 -10.59
N SER A 132 -12.07 -9.72 -9.69
CA SER A 132 -12.00 -8.29 -10.00
C SER A 132 -10.60 -7.84 -10.35
N ILE A 133 -9.63 -8.23 -9.53
CA ILE A 133 -8.23 -7.87 -9.75
C ILE A 133 -7.77 -8.47 -11.07
N MET A 134 -8.06 -9.75 -11.26
CA MET A 134 -7.69 -10.46 -12.47
C MET A 134 -8.29 -9.85 -13.74
N ASN A 135 -9.55 -9.43 -13.66
CA ASN A 135 -10.23 -8.80 -14.78
C ASN A 135 -9.56 -7.48 -15.08
N PHE A 136 -9.22 -6.76 -14.03
CA PHE A 136 -8.56 -5.47 -14.17
C PHE A 136 -7.19 -5.64 -14.85
N MET A 137 -6.49 -6.72 -14.51
CA MET A 137 -5.17 -6.98 -15.10
C MET A 137 -5.24 -7.53 -16.52
N GLY A 138 -6.43 -7.98 -16.93
CA GLY A 138 -6.60 -8.53 -18.27
C GLY A 138 -6.19 -10.00 -18.37
N LEU A 139 -6.05 -10.64 -17.21
CA LEU A 139 -5.65 -12.04 -17.15
C LEU A 139 -6.79 -12.99 -17.50
N PRO A 140 -6.48 -14.07 -18.24
CA PRO A 140 -7.47 -15.07 -18.62
C PRO A 140 -7.84 -15.81 -17.33
N VAL A 141 -9.14 -15.90 -17.02
CA VAL A 141 -9.58 -16.58 -15.81
C VAL A 141 -10.42 -17.82 -16.14
N GLN A 142 -10.11 -18.91 -15.45
CA GLN A 142 -10.78 -20.18 -15.64
C GLN A 142 -11.33 -20.61 -14.29
N THR A 143 -12.46 -21.31 -14.31
CA THR A 143 -13.10 -21.77 -13.09
C THR A 143 -13.03 -23.30 -12.92
N TYR A 144 -12.94 -23.74 -11.67
CA TYR A 144 -12.94 -25.16 -11.35
C TYR A 144 -14.03 -25.37 -10.31
N ARG A 145 -14.81 -26.42 -10.48
CA ARG A 145 -15.92 -26.72 -9.57
C ARG A 145 -15.40 -26.86 -8.15
N TYR A 146 -16.21 -26.45 -7.18
CA TYR A 146 -15.79 -26.50 -5.79
C TYR A 146 -16.94 -26.69 -4.80
N PHE A 147 -17.88 -25.75 -4.77
CA PHE A 147 -18.99 -25.86 -3.83
C PHE A 147 -20.11 -26.69 -4.38
N ASP A 148 -20.53 -27.68 -3.60
CA ASP A 148 -21.64 -28.53 -4.01
C ASP A 148 -22.86 -27.94 -3.34
N ALA A 149 -23.66 -27.24 -4.13
CA ALA A 149 -24.88 -26.58 -3.67
C ALA A 149 -25.86 -27.44 -2.86
N GLU A 150 -25.91 -28.74 -3.17
CA GLU A 150 -26.82 -29.64 -2.47
C GLU A 150 -26.33 -30.12 -1.11
N THR A 151 -25.07 -30.51 -1.04
CA THR A 151 -24.51 -31.00 0.22
C THR A 151 -23.81 -29.89 1.00
N ARG A 152 -23.60 -28.76 0.35
CA ARG A 152 -22.90 -27.63 0.93
C ARG A 152 -21.48 -28.06 1.30
N GLY A 153 -20.99 -29.09 0.61
CA GLY A 153 -19.66 -29.60 0.86
C GLY A 153 -18.82 -29.38 -0.38
N VAL A 154 -17.66 -30.03 -0.44
CA VAL A 154 -16.77 -29.89 -1.59
C VAL A 154 -17.05 -30.92 -2.69
N ASP A 155 -17.25 -30.44 -3.91
CA ASP A 155 -17.46 -31.34 -5.04
C ASP A 155 -16.05 -31.73 -5.50
N PHE A 156 -15.39 -32.60 -4.74
CA PHE A 156 -14.03 -33.00 -5.07
C PHE A 156 -13.81 -33.64 -6.44
N GLU A 157 -14.70 -34.54 -6.84
CA GLU A 157 -14.57 -35.20 -8.14
C GLU A 157 -14.58 -34.15 -9.24
N GLY A 158 -15.46 -33.16 -9.11
CA GLY A 158 -15.55 -32.09 -10.09
C GLY A 158 -14.31 -31.23 -10.09
N MET A 159 -13.85 -30.88 -8.89
CA MET A 159 -12.65 -30.07 -8.73
C MET A 159 -11.47 -30.74 -9.44
N LYS A 160 -11.32 -32.04 -9.20
CA LYS A 160 -10.24 -32.82 -9.80
C LYS A 160 -10.35 -32.87 -11.32
N ALA A 161 -11.55 -33.15 -11.82
CA ALA A 161 -11.78 -33.22 -13.25
C ALA A 161 -11.43 -31.90 -13.95
N ASP A 162 -11.81 -30.77 -13.34
CA ASP A 162 -11.54 -29.46 -13.92
C ASP A 162 -10.07 -29.04 -13.86
N LEU A 163 -9.44 -29.30 -12.72
CA LEU A 163 -8.04 -28.94 -12.55
C LEU A 163 -7.15 -29.74 -13.47
N ALA A 164 -7.61 -30.92 -13.89
CA ALA A 164 -6.83 -31.78 -14.77
C ALA A 164 -6.53 -31.09 -16.12
N ALA A 165 -7.35 -30.10 -16.46
CA ALA A 165 -7.19 -29.36 -17.71
C ALA A 165 -6.12 -28.28 -17.63
N ALA A 166 -5.54 -28.06 -16.46
CA ALA A 166 -4.51 -27.05 -16.30
C ALA A 166 -3.25 -27.47 -17.03
N LYS A 167 -2.56 -26.51 -17.65
CA LYS A 167 -1.33 -26.80 -18.36
C LYS A 167 -0.16 -26.24 -17.56
N LYS A 168 1.06 -26.62 -17.94
CA LYS A 168 2.27 -26.15 -17.28
C LYS A 168 2.34 -24.66 -17.49
N GLY A 169 2.58 -23.91 -16.41
CA GLY A 169 2.65 -22.46 -16.54
C GLY A 169 1.40 -21.75 -16.07
N ASP A 170 0.29 -22.48 -15.96
CA ASP A 170 -0.95 -21.90 -15.49
C ASP A 170 -0.86 -21.78 -13.98
N MET A 171 -1.73 -20.97 -13.40
CA MET A 171 -1.74 -20.75 -11.97
C MET A 171 -3.07 -21.23 -11.40
N VAL A 172 -3.02 -21.95 -10.29
CA VAL A 172 -4.23 -22.45 -9.65
C VAL A 172 -4.30 -21.79 -8.27
N LEU A 173 -5.36 -21.03 -8.03
CA LEU A 173 -5.53 -20.34 -6.76
C LEU A 173 -6.31 -21.20 -5.79
N LEU A 174 -5.70 -21.49 -4.64
CA LEU A 174 -6.31 -22.30 -3.59
C LEU A 174 -6.39 -21.55 -2.27
N HIS A 175 -7.50 -21.69 -1.56
CA HIS A 175 -7.64 -21.06 -0.25
C HIS A 175 -6.96 -22.06 0.69
N GLY A 176 -5.99 -21.58 1.45
CA GLY A 176 -5.29 -22.46 2.38
C GLY A 176 -6.21 -23.08 3.40
N CYS A 177 -7.20 -22.32 3.86
CA CYS A 177 -8.17 -22.79 4.84
C CYS A 177 -9.34 -21.81 4.92
N CYS A 178 -10.36 -22.18 5.70
CA CYS A 178 -11.55 -21.35 5.90
C CYS A 178 -11.98 -20.65 4.62
N HIS A 179 -12.36 -21.45 3.63
CA HIS A 179 -12.77 -20.95 2.34
C HIS A 179 -13.85 -19.86 2.45
N ASN A 180 -13.53 -18.71 1.88
CA ASN A 180 -14.42 -17.54 1.84
C ASN A 180 -14.93 -17.56 0.41
N PRO A 181 -16.26 -17.54 0.20
CA PRO A 181 -17.40 -17.51 1.13
C PRO A 181 -18.03 -18.80 1.66
N THR A 182 -17.76 -19.94 1.03
CA THR A 182 -18.42 -21.18 1.42
C THR A 182 -18.26 -21.75 2.82
N GLY A 183 -17.03 -21.81 3.30
CA GLY A 183 -16.77 -22.39 4.60
C GLY A 183 -16.52 -23.89 4.47
N ALA A 184 -16.61 -24.40 3.25
CA ALA A 184 -16.38 -25.81 2.95
C ALA A 184 -14.89 -25.98 2.63
N ASN A 185 -14.25 -26.90 3.34
CA ASN A 185 -12.82 -27.11 3.16
C ASN A 185 -12.35 -28.50 2.78
N LEU A 186 -11.14 -28.55 2.21
CA LEU A 186 -10.51 -29.78 1.78
C LEU A 186 -9.87 -30.45 2.97
N THR A 187 -9.87 -31.78 2.97
CA THR A 187 -9.25 -32.55 4.06
C THR A 187 -7.78 -32.70 3.65
N LEU A 188 -6.94 -33.08 4.60
CA LEU A 188 -5.52 -33.25 4.29
C LEU A 188 -5.32 -34.29 3.18
N ASP A 189 -6.15 -35.34 3.15
CA ASP A 189 -6.06 -36.37 2.11
C ASP A 189 -6.40 -35.79 0.74
N GLN A 190 -7.43 -34.95 0.67
CA GLN A 190 -7.83 -34.32 -0.58
C GLN A 190 -6.73 -33.39 -1.05
N TRP A 191 -6.08 -32.72 -0.10
CA TRP A 191 -4.95 -31.84 -0.40
C TRP A 191 -3.86 -32.66 -1.09
N ALA A 192 -3.59 -33.84 -0.53
CA ALA A 192 -2.58 -34.75 -1.07
C ALA A 192 -2.87 -35.09 -2.54
N GLU A 193 -4.14 -35.33 -2.87
CA GLU A 193 -4.51 -35.64 -4.24
C GLU A 193 -4.33 -34.42 -5.13
N ILE A 194 -4.67 -33.24 -4.61
CA ILE A 194 -4.51 -31.99 -5.35
C ILE A 194 -3.03 -31.80 -5.69
N ALA A 195 -2.16 -32.15 -4.74
CA ALA A 195 -0.72 -32.04 -4.96
C ALA A 195 -0.31 -32.90 -6.13
N SER A 196 -0.83 -34.12 -6.21
CA SER A 196 -0.53 -35.04 -7.30
C SER A 196 -0.91 -34.46 -8.66
N ILE A 197 -2.12 -33.88 -8.74
CA ILE A 197 -2.60 -33.28 -9.98
C ILE A 197 -1.72 -32.08 -10.36
N LEU A 198 -1.25 -31.33 -9.37
CA LEU A 198 -0.40 -30.18 -9.63
C LEU A 198 0.97 -30.63 -10.15
N GLU A 199 1.51 -31.69 -9.58
CA GLU A 199 2.81 -32.20 -10.03
C GLU A 199 2.65 -32.63 -11.48
N LYS A 200 1.60 -33.41 -11.74
CA LYS A 200 1.30 -33.91 -13.07
C LYS A 200 1.17 -32.82 -14.11
N THR A 201 0.33 -31.82 -13.84
CA THR A 201 0.09 -30.72 -14.77
C THR A 201 1.22 -29.69 -14.86
N GLY A 202 1.94 -29.49 -13.76
CA GLY A 202 3.01 -28.51 -13.77
C GLY A 202 2.48 -27.10 -13.56
N ALA A 203 1.27 -27.01 -13.00
CA ALA A 203 0.63 -25.74 -12.72
C ALA A 203 1.21 -25.18 -11.43
N LEU A 204 1.34 -23.85 -11.39
CA LEU A 204 1.87 -23.15 -10.24
C LEU A 204 0.76 -22.83 -9.24
N PRO A 205 0.87 -23.33 -7.99
CA PRO A 205 -0.17 -23.03 -7.01
C PRO A 205 0.04 -21.71 -6.24
N LEU A 206 -1.05 -20.96 -6.07
CA LEU A 206 -1.04 -19.71 -5.32
C LEU A 206 -2.00 -19.90 -4.16
N ILE A 207 -1.46 -20.01 -2.95
CA ILE A 207 -2.32 -20.19 -1.78
C ILE A 207 -2.66 -18.87 -1.10
N ASP A 208 -3.95 -18.63 -0.97
CA ASP A 208 -4.48 -17.44 -0.31
C ASP A 208 -4.69 -17.86 1.15
N LEU A 209 -3.74 -17.51 2.01
CA LEU A 209 -3.80 -17.84 3.42
C LEU A 209 -4.17 -16.62 4.27
N ALA A 210 -5.47 -16.35 4.35
CA ALA A 210 -5.99 -15.20 5.09
C ALA A 210 -6.59 -15.51 6.46
N TYR A 211 -6.90 -16.78 6.73
CA TYR A 211 -7.52 -17.13 8.01
C TYR A 211 -6.81 -18.14 8.89
N GLN A 212 -5.48 -18.13 8.88
CA GLN A 212 -4.73 -19.08 9.71
C GLN A 212 -5.02 -18.86 11.19
N GLY A 213 -5.74 -19.80 11.79
CA GLY A 213 -6.07 -19.69 13.20
C GLY A 213 -7.56 -19.69 13.51
N PHE A 214 -8.39 -19.49 12.49
CA PHE A 214 -9.85 -19.47 12.66
C PHE A 214 -10.52 -20.80 12.34
N GLY A 215 -9.77 -21.72 11.75
CA GLY A 215 -10.32 -23.02 11.41
C GLY A 215 -10.23 -24.02 12.55
N ASP A 216 -9.18 -24.82 12.53
CA ASP A 216 -8.96 -25.83 13.55
C ASP A 216 -7.81 -25.47 14.48
N GLY A 217 -7.03 -24.46 14.11
CA GLY A 217 -5.91 -24.03 14.92
C GLY A 217 -4.82 -23.51 14.00
N LEU A 218 -3.82 -22.82 14.57
CA LEU A 218 -2.72 -22.27 13.78
C LEU A 218 -1.97 -23.31 12.93
N GLU A 219 -1.52 -24.38 13.57
CA GLU A 219 -0.78 -25.43 12.87
C GLU A 219 -1.71 -26.22 11.95
N GLU A 220 -2.88 -26.57 12.46
CA GLU A 220 -3.87 -27.33 11.71
C GLU A 220 -4.26 -26.64 10.41
N ASP A 221 -4.45 -25.31 10.48
CA ASP A 221 -4.85 -24.53 9.32
C ASP A 221 -3.77 -24.39 8.26
N ALA A 222 -2.52 -24.58 8.64
CA ALA A 222 -1.42 -24.47 7.71
C ALA A 222 -1.00 -25.84 7.15
N ALA A 223 -1.63 -26.90 7.62
CA ALA A 223 -1.32 -28.27 7.18
C ALA A 223 -1.38 -28.44 5.67
N GLY A 224 -2.47 -28.00 5.05
CA GLY A 224 -2.61 -28.13 3.61
C GLY A 224 -1.52 -27.39 2.87
N THR A 225 -1.21 -26.19 3.36
CA THR A 225 -0.19 -25.36 2.75
C THR A 225 1.18 -26.03 2.86
N ARG A 226 1.48 -26.60 4.03
CA ARG A 226 2.76 -27.25 4.25
C ARG A 226 2.96 -28.50 3.40
N LEU A 227 1.87 -29.20 3.10
CA LEU A 227 1.92 -30.40 2.26
C LEU A 227 2.28 -29.95 0.85
N ILE A 228 1.58 -28.94 0.34
CA ILE A 228 1.84 -28.40 -0.99
C ILE A 228 3.30 -27.92 -1.07
N ALA A 229 3.74 -27.22 -0.03
CA ALA A 229 5.09 -26.69 0.02
C ALA A 229 6.19 -27.73 -0.07
N SER A 230 5.97 -28.88 0.57
CA SER A 230 6.98 -29.94 0.56
C SER A 230 7.01 -30.83 -0.69
N ARG A 231 5.87 -30.97 -1.37
CA ARG A 231 5.81 -31.81 -2.56
C ARG A 231 5.93 -31.06 -3.89
N ILE A 232 5.64 -29.76 -3.87
CA ILE A 232 5.71 -28.94 -5.08
C ILE A 232 6.92 -27.98 -5.00
N PRO A 233 7.75 -27.97 -6.05
CA PRO A 233 8.94 -27.11 -6.10
C PRO A 233 8.68 -25.59 -6.00
N GLU A 234 7.85 -25.05 -6.89
CA GLU A 234 7.53 -23.62 -6.87
C GLU A 234 6.14 -23.42 -6.31
N VAL A 235 6.02 -22.57 -5.30
CA VAL A 235 4.74 -22.29 -4.66
C VAL A 235 4.67 -20.81 -4.26
N LEU A 236 3.51 -20.20 -4.48
CA LEU A 236 3.31 -18.80 -4.12
C LEU A 236 2.27 -18.72 -3.01
N ILE A 237 2.59 -18.02 -1.92
CA ILE A 237 1.67 -17.88 -0.79
C ILE A 237 1.43 -16.42 -0.41
N ALA A 238 0.17 -16.00 -0.45
CA ALA A 238 -0.19 -14.62 -0.09
C ALA A 238 -0.93 -14.68 1.23
N ALA A 239 -0.24 -14.31 2.31
CA ALA A 239 -0.83 -14.33 3.64
C ALA A 239 -1.34 -12.99 4.12
N SER A 240 -2.31 -13.03 5.02
CA SER A 240 -2.88 -11.83 5.59
C SER A 240 -2.78 -11.86 7.12
N CYS A 241 -2.57 -10.68 7.72
CA CYS A 241 -2.50 -10.56 9.16
C CYS A 241 -3.72 -9.78 9.65
N SER A 242 -4.52 -9.28 8.71
CA SER A 242 -5.70 -8.49 9.02
C SER A 242 -6.65 -9.12 10.04
N LYS A 243 -7.11 -10.34 9.75
CA LYS A 243 -8.05 -11.01 10.62
C LYS A 243 -7.49 -11.73 11.84
N ASN A 244 -6.47 -12.58 11.65
CA ASN A 244 -5.89 -13.33 12.76
C ASN A 244 -5.11 -12.49 13.75
N PHE A 245 -4.79 -11.25 13.38
CA PHE A 245 -4.11 -10.34 14.29
C PHE A 245 -5.07 -9.18 14.63
N GLY A 246 -6.19 -9.09 13.91
CA GLY A 246 -7.16 -8.04 14.15
C GLY A 246 -6.67 -6.63 13.84
N ILE A 247 -5.82 -6.51 12.83
CA ILE A 247 -5.26 -5.22 12.43
C ILE A 247 -5.64 -4.92 10.98
N TYR A 248 -6.93 -5.06 10.67
CA TYR A 248 -7.46 -4.84 9.33
C TYR A 248 -6.98 -3.57 8.64
N ARG A 249 -7.19 -2.43 9.29
CA ARG A 249 -6.82 -1.13 8.73
C ARG A 249 -5.33 -0.82 8.63
N GLU A 250 -4.50 -1.60 9.31
CA GLU A 250 -3.06 -1.35 9.26
C GLU A 250 -2.44 -1.80 7.94
N ARG A 251 -3.09 -2.74 7.27
CA ARG A 251 -2.66 -3.26 5.97
C ARG A 251 -1.35 -4.04 6.02
N THR A 252 -1.38 -5.18 6.70
CA THR A 252 -0.21 -6.03 6.87
C THR A 252 -0.38 -7.39 6.18
N GLY A 253 0.40 -7.60 5.12
CA GLY A 253 0.34 -8.85 4.38
C GLY A 253 1.74 -9.35 4.07
N CYS A 254 1.82 -10.53 3.46
CA CYS A 254 3.11 -11.14 3.13
C CYS A 254 3.08 -12.07 1.92
N LEU A 255 4.01 -11.89 0.99
CA LEU A 255 4.08 -12.74 -0.21
C LEU A 255 5.31 -13.63 -0.09
N LEU A 256 5.11 -14.94 -0.07
CA LEU A 256 6.19 -15.92 0.01
C LEU A 256 6.35 -16.64 -1.32
N ALA A 257 7.58 -16.63 -1.83
CA ALA A 257 7.89 -17.30 -3.09
C ALA A 257 8.82 -18.48 -2.82
N LEU A 258 8.28 -19.70 -2.88
CA LEU A 258 9.06 -20.91 -2.66
C LEU A 258 9.63 -21.32 -4.01
N CYS A 259 10.96 -21.31 -4.12
CA CYS A 259 11.62 -21.63 -5.37
C CYS A 259 12.41 -22.95 -5.34
N ALA A 260 12.65 -23.50 -6.53
CA ALA A 260 13.38 -24.76 -6.68
C ALA A 260 14.86 -24.70 -6.30
N ASP A 261 15.46 -23.52 -6.40
CA ASP A 261 16.88 -23.34 -6.07
C ASP A 261 17.21 -21.90 -5.70
N ALA A 262 18.30 -21.73 -4.95
CA ALA A 262 18.76 -20.43 -4.50
C ALA A 262 18.95 -19.39 -5.60
N ALA A 263 19.47 -19.82 -6.76
CA ALA A 263 19.67 -18.91 -7.88
C ALA A 263 18.32 -18.29 -8.25
N THR A 264 17.30 -19.13 -8.34
CA THR A 264 15.96 -18.69 -8.67
C THR A 264 15.42 -17.80 -7.56
N ARG A 265 15.76 -18.13 -6.31
CA ARG A 265 15.31 -17.35 -5.17
C ARG A 265 15.79 -15.90 -5.26
N GLU A 266 17.06 -15.70 -5.62
CA GLU A 266 17.61 -14.36 -5.74
C GLU A 266 16.89 -13.62 -6.85
N LEU A 267 16.54 -14.35 -7.91
CA LEU A 267 15.84 -13.81 -9.05
C LEU A 267 14.43 -13.34 -8.64
N ALA A 268 13.76 -14.17 -7.85
CA ALA A 268 12.42 -13.87 -7.38
C ALA A 268 12.42 -12.72 -6.37
N GLN A 269 13.34 -12.78 -5.41
CA GLN A 269 13.44 -11.75 -4.39
C GLN A 269 13.70 -10.37 -5.02
N GLY A 270 14.56 -10.34 -6.03
CA GLY A 270 14.86 -9.10 -6.70
C GLY A 270 13.67 -8.54 -7.43
N ALA A 271 12.94 -9.40 -8.13
CA ALA A 271 11.76 -8.98 -8.89
C ALA A 271 10.62 -8.53 -7.97
N MET A 272 10.52 -9.12 -6.80
CA MET A 272 9.51 -8.77 -5.83
C MET A 272 9.80 -7.38 -5.26
N ALA A 273 11.08 -7.12 -4.96
CA ALA A 273 11.51 -5.83 -4.42
C ALA A 273 11.25 -4.75 -5.47
N PHE A 274 11.54 -5.08 -6.72
CA PHE A 274 11.32 -4.17 -7.84
C PHE A 274 9.82 -3.82 -7.95
N LEU A 275 8.97 -4.83 -7.73
CA LEU A 275 7.52 -4.66 -7.78
C LEU A 275 7.02 -3.68 -6.71
N ASN A 276 7.59 -3.75 -5.51
CA ASN A 276 7.19 -2.82 -4.46
C ASN A 276 7.63 -1.42 -4.85
N ARG A 277 8.87 -1.30 -5.35
CA ARG A 277 9.42 0.00 -5.77
C ARG A 277 8.55 0.74 -6.78
N GLN A 278 8.15 0.04 -7.84
CA GLN A 278 7.35 0.63 -8.92
C GLN A 278 5.89 0.86 -8.57
N THR A 279 5.48 0.41 -7.38
CA THR A 279 4.09 0.59 -6.97
C THR A 279 3.94 1.64 -5.88
N TYR A 280 4.86 1.62 -4.90
CA TYR A 280 4.82 2.57 -3.80
C TYR A 280 6.12 2.66 -3.02
N SER A 281 7.23 2.26 -3.64
CA SER A 281 8.53 2.29 -3.00
C SER A 281 8.64 1.32 -1.82
N PHE A 282 8.26 1.79 -0.63
CA PHE A 282 8.35 0.98 0.58
C PHE A 282 6.97 0.59 1.08
N PRO A 283 6.85 -0.58 1.74
CA PRO A 283 5.59 -1.06 2.29
C PRO A 283 5.37 -0.48 3.69
N PRO A 284 4.10 -0.46 4.16
CA PRO A 284 3.77 0.08 5.48
C PRO A 284 4.56 -0.63 6.58
N PHE A 285 4.98 0.11 7.59
CA PHE A 285 5.78 -0.43 8.68
C PHE A 285 5.01 -0.77 9.96
N HIS A 286 4.07 0.08 10.34
CA HIS A 286 3.35 -0.12 11.60
C HIS A 286 2.78 -1.50 11.90
N GLY A 287 1.94 -2.01 11.02
CA GLY A 287 1.32 -3.31 11.25
C GLY A 287 2.33 -4.42 11.30
N ALA A 288 3.28 -4.41 10.37
CA ALA A 288 4.33 -5.42 10.29
C ALA A 288 5.13 -5.46 11.59
N LYS A 289 5.46 -4.29 12.12
CA LYS A 289 6.21 -4.22 13.36
C LYS A 289 5.39 -4.73 14.54
N ILE A 290 4.07 -4.56 14.48
CA ILE A 290 3.21 -5.06 15.56
C ILE A 290 3.30 -6.58 15.56
N VAL A 291 3.18 -7.15 14.36
CA VAL A 291 3.22 -8.60 14.16
C VAL A 291 4.54 -9.23 14.61
N SER A 292 5.66 -8.75 14.07
CA SER A 292 6.95 -9.29 14.44
C SER A 292 7.20 -9.18 15.95
N THR A 293 6.73 -8.10 16.55
CA THR A 293 6.87 -7.88 17.99
C THR A 293 6.10 -8.93 18.79
N VAL A 294 4.87 -9.21 18.37
CA VAL A 294 4.03 -10.20 19.03
C VAL A 294 4.66 -11.60 18.88
N LEU A 295 5.13 -11.88 17.67
CA LEU A 295 5.73 -13.16 17.38
C LEU A 295 7.09 -13.42 18.02
N THR A 296 7.88 -12.37 18.22
CA THR A 296 9.22 -12.53 18.81
C THR A 296 9.25 -12.42 20.32
N THR A 297 8.26 -11.77 20.90
CA THR A 297 8.17 -11.60 22.35
C THR A 297 7.31 -12.72 22.94
N PRO A 298 7.95 -13.75 23.52
CA PRO A 298 7.31 -14.92 24.13
C PRO A 298 6.04 -14.61 24.91
N GLU A 299 6.12 -13.63 25.80
CA GLU A 299 4.97 -13.25 26.61
C GLU A 299 3.79 -12.85 25.73
N LEU A 300 4.06 -12.05 24.70
CA LEU A 300 3.02 -11.59 23.80
C LEU A 300 2.50 -12.70 22.90
N ARG A 301 3.40 -13.43 22.26
CA ARG A 301 3.03 -14.53 21.38
C ARG A 301 2.09 -15.47 22.11
N ALA A 302 2.38 -15.70 23.39
CA ALA A 302 1.56 -16.57 24.23
C ALA A 302 0.15 -16.02 24.39
N ASP A 303 0.05 -14.76 24.79
CA ASP A 303 -1.26 -14.14 25.00
C ASP A 303 -2.06 -14.03 23.70
N TRP A 304 -1.37 -13.84 22.58
CA TRP A 304 -2.02 -13.75 21.29
C TRP A 304 -2.66 -15.09 20.90
N MET A 305 -1.89 -16.17 21.00
CA MET A 305 -2.39 -17.50 20.66
C MET A 305 -3.58 -17.85 21.55
N ALA A 306 -3.53 -17.41 22.79
CA ALA A 306 -4.62 -17.66 23.73
C ALA A 306 -5.90 -16.93 23.33
N GLU A 307 -5.75 -15.68 22.89
CA GLU A 307 -6.92 -14.92 22.49
C GLU A 307 -7.50 -15.44 21.17
N LEU A 308 -6.63 -15.82 20.25
CA LEU A 308 -7.08 -16.35 18.96
C LEU A 308 -7.84 -17.67 19.22
N GLU A 309 -7.28 -18.52 20.08
CA GLU A 309 -7.91 -19.79 20.42
C GLU A 309 -9.30 -19.62 21.00
N ALA A 310 -9.45 -18.62 21.86
CA ALA A 310 -10.73 -18.31 22.50
C ALA A 310 -11.74 -17.92 21.41
N VAL A 311 -11.26 -17.16 20.44
CA VAL A 311 -12.08 -16.71 19.32
C VAL A 311 -12.55 -17.88 18.46
N ARG A 312 -11.60 -18.74 18.07
CA ARG A 312 -11.89 -19.91 17.25
C ARG A 312 -12.90 -20.81 17.96
N SER A 313 -12.63 -21.12 19.22
CA SER A 313 -13.51 -21.97 20.03
C SER A 313 -14.91 -21.36 20.16
N GLY A 314 -14.96 -20.04 20.35
CA GLY A 314 -16.23 -19.35 20.47
C GLY A 314 -17.07 -19.50 19.22
N MET A 315 -16.46 -19.32 18.06
CA MET A 315 -17.20 -19.44 16.80
C MET A 315 -17.63 -20.89 16.57
N LEU A 316 -16.77 -21.83 16.93
CA LEU A 316 -17.06 -23.25 16.77
C LEU A 316 -18.28 -23.66 17.61
N ARG A 317 -18.43 -23.05 18.79
CA ARG A 317 -19.57 -23.34 19.64
C ARG A 317 -20.85 -22.73 19.06
N LEU A 318 -20.71 -21.58 18.41
CA LEU A 318 -21.85 -20.93 17.78
C LEU A 318 -22.36 -21.86 16.67
N ARG A 319 -21.42 -22.47 15.94
CA ARG A 319 -21.77 -23.40 14.87
C ARG A 319 -22.53 -24.60 15.41
N GLU A 320 -22.01 -25.19 16.49
CA GLU A 320 -22.64 -26.34 17.13
C GLU A 320 -24.06 -26.02 17.58
N GLN A 321 -24.24 -24.85 18.20
CA GLN A 321 -25.56 -24.43 18.67
C GLN A 321 -26.56 -24.29 17.54
N LEU A 322 -26.18 -23.54 16.51
CA LEU A 322 -27.04 -23.32 15.36
C LEU A 322 -27.43 -24.66 14.73
N ALA A 323 -26.45 -25.54 14.55
CA ALA A 323 -26.70 -26.84 13.95
C ALA A 323 -27.70 -27.64 14.81
N GLY A 324 -27.55 -27.57 16.12
CA GLY A 324 -28.45 -28.28 17.01
C GLY A 324 -29.85 -27.72 16.92
N GLU A 325 -29.95 -26.39 16.94
CA GLU A 325 -31.24 -25.70 16.84
C GLU A 325 -31.93 -26.11 15.55
N LEU A 326 -31.17 -26.11 14.45
CA LEU A 326 -31.70 -26.50 13.16
C LEU A 326 -32.10 -27.97 13.12
N ARG A 327 -31.39 -28.80 13.90
CA ARG A 327 -31.68 -30.22 13.96
C ARG A 327 -33.02 -30.42 14.66
N ASP A 328 -33.20 -29.72 15.78
CA ASP A 328 -34.44 -29.79 16.55
C ASP A 328 -35.64 -29.30 15.76
N LEU A 329 -35.46 -28.22 15.02
CA LEU A 329 -36.53 -27.64 14.21
C LEU A 329 -36.84 -28.41 12.92
N SER A 330 -35.79 -28.86 12.23
CA SER A 330 -35.96 -29.57 10.98
C SER A 330 -36.40 -31.01 11.16
N GLY A 331 -36.03 -31.61 12.29
CA GLY A 331 -36.38 -32.99 12.54
C GLY A 331 -35.49 -33.86 11.67
N SER A 332 -34.38 -33.28 11.21
CA SER A 332 -33.43 -33.98 10.38
C SER A 332 -32.04 -33.45 10.66
N ASP A 333 -31.03 -34.03 10.02
CA ASP A 333 -29.67 -33.59 10.20
C ASP A 333 -29.13 -33.00 8.89
N ARG A 334 -30.04 -32.45 8.09
CA ARG A 334 -29.71 -31.84 6.80
C ARG A 334 -28.72 -30.69 6.92
N PHE A 335 -28.94 -29.84 7.92
CA PHE A 335 -28.10 -28.67 8.14
C PHE A 335 -26.82 -28.96 8.92
N GLY A 336 -26.50 -30.24 9.08
CA GLY A 336 -25.32 -30.63 9.81
C GLY A 336 -24.04 -30.01 9.29
N PHE A 337 -24.03 -29.64 8.00
CA PHE A 337 -22.87 -29.03 7.38
C PHE A 337 -22.41 -27.77 8.10
N VAL A 338 -23.34 -27.09 8.76
CA VAL A 338 -23.01 -25.86 9.50
C VAL A 338 -21.94 -26.13 10.55
N ALA A 339 -22.02 -27.30 11.19
CA ALA A 339 -21.06 -27.69 12.22
C ALA A 339 -19.79 -28.28 11.63
N GLU A 340 -19.83 -28.59 10.34
CA GLU A 340 -18.66 -29.16 9.66
C GLU A 340 -17.83 -28.07 9.01
N HIS A 341 -18.48 -26.99 8.60
CA HIS A 341 -17.80 -25.87 7.97
C HIS A 341 -16.81 -25.23 8.94
N ARG A 342 -15.75 -24.63 8.41
CA ARG A 342 -14.74 -23.97 9.23
C ARG A 342 -14.49 -22.57 8.71
N GLY A 343 -14.29 -21.63 9.64
CA GLY A 343 -14.05 -20.25 9.30
C GLY A 343 -15.20 -19.43 9.86
N MET A 344 -15.20 -18.12 9.62
CA MET A 344 -16.30 -17.32 10.14
C MET A 344 -17.44 -17.19 9.15
N PHE A 345 -17.28 -17.76 7.96
CA PHE A 345 -18.32 -17.70 6.94
C PHE A 345 -18.91 -19.05 6.62
N SER A 346 -20.11 -19.01 6.07
CA SER A 346 -20.81 -20.21 5.65
C SER A 346 -21.85 -19.83 4.61
N ARG A 347 -21.96 -20.65 3.58
CA ARG A 347 -22.98 -20.45 2.57
C ARG A 347 -24.07 -21.42 2.95
N LEU A 348 -25.28 -20.90 3.19
CA LEU A 348 -26.41 -21.73 3.57
C LEU A 348 -26.99 -22.52 2.40
N GLY A 349 -26.75 -22.06 1.18
CA GLY A 349 -27.28 -22.75 0.03
C GLY A 349 -28.67 -22.24 -0.34
N ALA A 350 -29.04 -21.07 0.16
CA ALA A 350 -30.35 -20.50 -0.14
C ALA A 350 -30.27 -19.70 -1.45
N THR A 351 -31.35 -19.66 -2.21
CA THR A 351 -31.40 -18.93 -3.48
C THR A 351 -31.63 -17.45 -3.17
N PRO A 352 -31.41 -16.57 -4.16
CA PRO A 352 -31.62 -15.13 -3.95
C PRO A 352 -33.04 -14.83 -3.45
N GLU A 353 -34.03 -15.55 -3.99
CA GLU A 353 -35.43 -15.38 -3.58
C GLU A 353 -35.57 -15.69 -2.10
N GLN A 354 -34.98 -16.80 -1.67
CA GLN A 354 -35.05 -17.20 -0.27
C GLN A 354 -34.34 -16.18 0.61
N VAL A 355 -33.24 -15.64 0.10
CA VAL A 355 -32.46 -14.63 0.82
C VAL A 355 -33.31 -13.36 1.01
N LYS A 356 -33.99 -12.94 -0.05
CA LYS A 356 -34.84 -11.76 0.02
C LYS A 356 -36.02 -11.97 0.96
N ARG A 357 -36.61 -13.16 0.90
CA ARG A 357 -37.76 -13.50 1.73
C ARG A 357 -37.37 -13.55 3.21
N ILE A 358 -36.14 -13.96 3.51
CA ILE A 358 -35.68 -14.01 4.90
C ILE A 358 -35.58 -12.59 5.45
N LYS A 359 -35.04 -11.68 4.65
CA LYS A 359 -34.88 -10.28 5.03
C LYS A 359 -36.24 -9.61 5.25
N GLU A 360 -37.11 -9.72 4.26
CA GLU A 360 -38.44 -9.12 4.34
C GLU A 360 -39.31 -9.61 5.49
N GLU A 361 -39.34 -10.93 5.72
CA GLU A 361 -40.18 -11.48 6.77
C GLU A 361 -39.52 -11.58 8.16
N PHE A 362 -38.21 -11.70 8.19
CA PHE A 362 -37.51 -11.86 9.46
C PHE A 362 -36.52 -10.77 9.82
N GLY A 363 -36.29 -9.83 8.91
CA GLY A 363 -35.35 -8.75 9.16
C GLY A 363 -33.90 -9.17 9.32
N ILE A 364 -33.55 -10.32 8.75
CA ILE A 364 -32.18 -10.81 8.83
C ILE A 364 -31.47 -10.55 7.51
N TYR A 365 -30.37 -9.81 7.57
CA TYR A 365 -29.59 -9.46 6.38
C TYR A 365 -28.38 -10.38 6.20
N MET A 366 -28.08 -10.70 4.96
CA MET A 366 -26.94 -11.55 4.64
C MET A 366 -26.55 -11.27 3.18
N VAL A 367 -25.37 -11.74 2.79
CA VAL A 367 -24.91 -11.53 1.41
C VAL A 367 -25.86 -12.27 0.48
N GLY A 368 -26.08 -11.69 -0.69
CA GLY A 368 -26.98 -12.26 -1.69
C GLY A 368 -26.76 -13.70 -2.09
N ASP A 369 -25.57 -14.24 -1.85
CA ASP A 369 -25.25 -15.62 -2.19
C ASP A 369 -25.53 -16.57 -1.02
N SER A 370 -26.19 -16.04 0.01
CA SER A 370 -26.55 -16.76 1.23
C SER A 370 -25.37 -16.97 2.19
N ARG A 371 -24.36 -16.13 2.08
CA ARG A 371 -23.18 -16.21 2.95
C ARG A 371 -23.49 -15.49 4.25
N ILE A 372 -23.20 -16.13 5.37
CA ILE A 372 -23.45 -15.53 6.67
C ILE A 372 -22.15 -15.52 7.46
N ASN A 373 -22.06 -14.60 8.41
CA ASN A 373 -20.91 -14.50 9.27
C ASN A 373 -21.34 -15.09 10.61
N ILE A 374 -20.70 -16.19 10.98
CA ILE A 374 -21.00 -16.90 12.23
C ILE A 374 -20.81 -16.03 13.47
N ALA A 375 -19.79 -15.17 13.45
CA ALA A 375 -19.49 -14.30 14.58
C ALA A 375 -20.62 -13.32 14.91
N GLY A 376 -21.45 -12.99 13.92
CA GLY A 376 -22.55 -12.08 14.14
C GLY A 376 -23.75 -12.74 14.82
N LEU A 377 -23.59 -14.02 15.15
CA LEU A 377 -24.64 -14.81 15.81
C LEU A 377 -24.44 -14.85 17.32
N ASN A 378 -25.45 -15.33 18.02
CA ASN A 378 -25.41 -15.46 19.47
C ASN A 378 -26.65 -16.16 20.02
N ASP A 379 -26.67 -16.37 21.33
CA ASP A 379 -27.76 -17.02 22.04
C ASP A 379 -29.15 -16.49 21.71
N ASN A 380 -29.23 -15.18 21.46
CA ASN A 380 -30.50 -14.56 21.14
C ASN A 380 -30.87 -14.55 19.67
N THR A 381 -29.88 -14.52 18.79
CA THR A 381 -30.16 -14.48 17.36
C THR A 381 -30.23 -15.84 16.65
N ILE A 382 -29.58 -16.86 17.23
CA ILE A 382 -29.58 -18.20 16.65
C ILE A 382 -30.99 -18.80 16.48
N PRO A 383 -31.83 -18.73 17.53
CA PRO A 383 -33.17 -19.30 17.42
C PRO A 383 -33.97 -18.66 16.28
N ILE A 384 -33.77 -17.37 16.10
CA ILE A 384 -34.46 -16.60 15.07
C ILE A 384 -34.04 -17.00 13.67
N LEU A 385 -32.73 -17.08 13.44
CA LEU A 385 -32.15 -17.46 12.14
C LEU A 385 -32.57 -18.88 11.75
N ALA A 386 -32.53 -19.78 12.73
CA ALA A 386 -32.92 -21.17 12.54
C ALA A 386 -34.36 -21.25 12.04
N ARG A 387 -35.27 -20.64 12.80
CA ARG A 387 -36.68 -20.62 12.42
C ARG A 387 -36.86 -20.01 11.04
N ALA A 388 -36.13 -18.93 10.75
CA ALA A 388 -36.22 -18.26 9.46
C ALA A 388 -35.86 -19.20 8.32
N ILE A 389 -34.76 -19.92 8.49
CA ILE A 389 -34.28 -20.86 7.48
C ILE A 389 -35.35 -21.90 7.17
N ILE A 390 -35.91 -22.49 8.21
CA ILE A 390 -36.95 -23.51 8.05
C ILE A 390 -38.19 -22.92 7.39
N GLU A 391 -38.64 -21.79 7.90
CA GLU A 391 -39.84 -21.14 7.39
C GLU A 391 -39.83 -20.79 5.92
N VAL A 392 -38.68 -20.36 5.40
CA VAL A 392 -38.56 -19.98 3.99
C VAL A 392 -38.31 -21.20 3.08
N GLY A 393 -38.29 -22.38 3.69
CA GLY A 393 -38.11 -23.61 2.92
C GLY A 393 -36.74 -23.84 2.32
N VAL A 394 -35.70 -23.67 3.13
CA VAL A 394 -34.34 -23.92 2.69
C VAL A 394 -34.00 -25.36 3.09
N MET B 1 8.59 -21.69 -13.84
CA MET B 1 8.14 -20.32 -14.19
C MET B 1 9.07 -19.24 -13.65
N LEU B 2 9.24 -19.20 -12.34
CA LEU B 2 10.07 -18.19 -11.70
C LEU B 2 11.51 -18.13 -12.21
N GLY B 3 11.99 -19.23 -12.79
CA GLY B 3 13.33 -19.26 -13.33
C GLY B 3 13.48 -18.38 -14.56
N ASN B 4 12.35 -17.97 -15.13
CA ASN B 4 12.34 -17.12 -16.31
C ASN B 4 12.43 -15.63 -15.99
N LEU B 5 12.45 -15.29 -14.69
CA LEU B 5 12.53 -13.91 -14.24
C LEU B 5 13.86 -13.23 -14.54
N LYS B 6 13.83 -12.18 -15.33
CA LYS B 6 15.06 -11.43 -15.66
C LYS B 6 15.45 -10.56 -14.46
N PRO B 7 16.76 -10.33 -14.28
CA PRO B 7 17.24 -9.51 -13.16
C PRO B 7 16.86 -8.06 -13.34
N GLN B 8 16.54 -7.44 -12.23
CA GLN B 8 16.12 -6.05 -12.28
C GLN B 8 17.24 -5.10 -11.87
N ALA B 9 17.21 -3.87 -12.41
CA ALA B 9 18.19 -2.84 -12.09
C ALA B 9 17.80 -2.26 -10.73
N PRO B 10 18.74 -2.27 -9.78
CA PRO B 10 18.55 -1.76 -8.41
C PRO B 10 18.34 -0.25 -8.34
N ASP B 11 17.93 0.24 -7.18
CA ASP B 11 17.70 1.67 -7.00
C ASP B 11 19.03 2.32 -6.63
N LYS B 12 19.58 3.08 -7.57
CA LYS B 12 20.85 3.78 -7.41
C LYS B 12 20.99 4.58 -6.11
N ILE B 13 20.01 5.41 -5.79
CA ILE B 13 20.06 6.22 -4.58
C ILE B 13 20.03 5.36 -3.32
N LEU B 14 19.10 4.40 -3.29
CA LEU B 14 18.97 3.51 -2.15
C LEU B 14 20.11 2.48 -2.09
N ALA B 15 20.86 2.37 -3.19
CA ALA B 15 21.99 1.45 -3.24
C ALA B 15 23.09 2.00 -2.33
N LEU B 16 23.34 3.30 -2.44
CA LEU B 16 24.35 3.95 -1.61
C LEU B 16 23.95 3.78 -0.15
N MET B 17 22.65 3.85 0.11
CA MET B 17 22.09 3.70 1.44
C MET B 17 22.62 2.41 2.06
N GLY B 18 22.74 1.37 1.24
CA GLY B 18 23.25 0.09 1.71
C GLY B 18 24.77 0.09 1.83
N GLU B 19 25.45 0.74 0.90
CA GLU B 19 26.91 0.82 0.90
C GLU B 19 27.47 1.53 2.13
N PHE B 20 26.84 2.62 2.53
CA PHE B 20 27.29 3.40 3.69
C PHE B 20 27.42 2.50 4.91
N GLY B 27 35.38 7.60 9.05
CA GLY B 27 35.10 8.97 8.64
C GLY B 27 34.10 9.06 7.50
N LYS B 28 33.08 8.20 7.54
CA LYS B 28 32.05 8.18 6.52
C LYS B 28 31.09 9.36 6.69
N ILE B 29 30.70 9.97 5.56
CA ILE B 29 29.78 11.09 5.55
C ILE B 29 28.66 10.78 4.54
N ASP B 30 27.46 10.55 5.06
CA ASP B 30 26.30 10.23 4.23
C ASP B 30 25.59 11.49 3.77
N LEU B 31 25.60 11.70 2.45
CA LEU B 31 24.96 12.85 1.83
C LEU B 31 24.08 12.38 0.68
N GLY B 32 23.58 11.14 0.79
CA GLY B 32 22.76 10.58 -0.27
C GLY B 32 21.24 10.73 -0.14
N VAL B 33 20.60 9.64 0.30
CA VAL B 33 19.14 9.59 0.44
C VAL B 33 18.54 10.86 1.05
N GLY B 34 17.46 11.31 0.42
CA GLY B 34 16.77 12.52 0.83
C GLY B 34 15.95 12.44 2.09
N VAL B 35 16.64 12.20 3.20
CA VAL B 35 15.99 12.12 4.50
C VAL B 35 16.61 13.24 5.33
N TYR B 36 15.79 13.87 6.17
CA TYR B 36 16.30 14.93 7.01
C TYR B 36 17.08 14.33 8.18
N LYS B 37 18.23 14.92 8.48
CA LYS B 37 19.06 14.46 9.58
C LYS B 37 19.44 15.66 10.43
N ASP B 38 19.62 15.45 11.73
CA ASP B 38 20.00 16.54 12.63
C ASP B 38 21.51 16.57 12.85
N ALA B 39 21.96 17.53 13.65
CA ALA B 39 23.37 17.71 13.95
C ALA B 39 24.11 16.43 14.31
N THR B 40 23.43 15.51 14.98
CA THR B 40 24.04 14.24 15.38
C THR B 40 23.76 13.10 14.41
N GLY B 41 23.46 13.43 13.16
CA GLY B 41 23.20 12.42 12.16
C GLY B 41 21.98 11.54 12.42
N HIS B 42 21.00 12.06 13.13
CA HIS B 42 19.81 11.28 13.42
C HIS B 42 18.58 11.89 12.78
N THR B 43 17.68 11.04 12.32
CA THR B 43 16.40 11.46 11.74
C THR B 43 15.42 11.21 12.88
N PRO B 44 15.13 12.25 13.67
CA PRO B 44 14.20 12.12 14.80
C PRO B 44 12.72 12.10 14.45
N ILE B 45 11.93 11.77 15.46
CA ILE B 45 10.48 11.75 15.33
C ILE B 45 10.06 13.13 15.84
N MET B 46 9.26 13.82 15.05
CA MET B 46 8.78 15.15 15.44
C MET B 46 7.92 15.11 16.70
N ARG B 47 8.13 16.09 17.58
CA ARG B 47 7.38 16.17 18.84
C ARG B 47 5.88 15.94 18.69
N ALA B 48 5.23 16.69 17.79
CA ALA B 48 3.79 16.57 17.57
C ALA B 48 3.39 15.19 17.07
N VAL B 49 4.24 14.59 16.26
CA VAL B 49 3.97 13.26 15.72
C VAL B 49 3.95 12.27 16.88
N HIS B 50 4.92 12.39 17.78
CA HIS B 50 5.01 11.50 18.92
C HIS B 50 3.79 11.63 19.83
N ALA B 51 3.40 12.87 20.10
CA ALA B 51 2.24 13.15 20.95
C ALA B 51 0.98 12.61 20.30
N ALA B 52 0.94 12.68 18.97
CA ALA B 52 -0.20 12.20 18.21
C ALA B 52 -0.34 10.68 18.37
N GLU B 53 0.79 9.97 18.27
CA GLU B 53 0.77 8.52 18.44
C GLU B 53 0.33 8.12 19.84
N GLN B 54 0.74 8.91 20.83
CA GLN B 54 0.39 8.66 22.22
C GLN B 54 -1.11 8.84 22.42
N ARG B 55 -1.68 9.83 21.76
CA ARG B 55 -3.10 10.11 21.85
C ARG B 55 -3.88 9.02 21.15
N MET B 56 -3.36 8.56 20.01
CA MET B 56 -4.00 7.50 19.23
C MET B 56 -4.11 6.20 20.00
N LEU B 57 -3.06 5.84 20.74
CA LEU B 57 -3.07 4.62 21.51
C LEU B 57 -4.21 4.60 22.52
N GLU B 58 -4.51 5.75 23.11
CA GLU B 58 -5.57 5.88 24.10
C GLU B 58 -6.97 5.92 23.51
N THR B 59 -7.12 6.53 22.35
CA THR B 59 -8.43 6.70 21.74
C THR B 59 -8.97 5.62 20.80
N GLU B 60 -8.10 4.93 20.07
CA GLU B 60 -8.56 3.91 19.14
C GLU B 60 -9.07 2.64 19.85
N THR B 61 -10.30 2.26 19.53
CA THR B 61 -10.95 1.10 20.12
C THR B 61 -11.10 -0.08 19.15
N THR B 62 -10.83 0.17 17.88
CA THR B 62 -10.95 -0.86 16.86
C THR B 62 -9.97 -0.62 15.73
N LYS B 63 -9.73 -1.67 14.95
CA LYS B 63 -8.84 -1.59 13.79
C LYS B 63 -9.51 -2.21 12.57
N THR B 64 -10.84 -2.19 12.55
CA THR B 64 -11.61 -2.73 11.42
C THR B 64 -11.31 -1.95 10.16
N TYR B 65 -11.78 -2.45 9.04
CA TYR B 65 -11.59 -1.79 7.76
C TYR B 65 -12.26 -0.42 7.85
N ALA B 66 -11.65 0.57 7.21
CA ALA B 66 -12.15 1.93 7.22
C ALA B 66 -12.48 2.37 5.79
N GLY B 67 -12.14 3.61 5.45
CA GLY B 67 -12.44 4.11 4.12
C GLY B 67 -11.50 3.64 3.02
N LEU B 68 -12.08 3.26 1.89
CA LEU B 68 -11.34 2.78 0.73
C LEU B 68 -10.52 3.89 0.09
N SER B 69 -11.00 5.13 0.21
CA SER B 69 -10.31 6.31 -0.34
C SER B 69 -9.57 7.08 0.75
N GLY B 70 -9.58 6.55 1.97
CA GLY B 70 -8.95 7.23 3.09
C GLY B 70 -10.02 7.85 3.96
N GLU B 71 -9.63 8.36 5.11
CA GLU B 71 -10.56 8.97 6.04
C GLU B 71 -10.86 10.41 5.66
N PRO B 72 -12.12 10.85 5.85
CA PRO B 72 -12.57 12.21 5.55
C PRO B 72 -11.68 13.26 6.20
N GLU B 73 -11.34 13.01 7.47
CA GLU B 73 -10.48 13.88 8.26
C GLU B 73 -9.16 14.11 7.53
N PHE B 74 -8.53 13.02 7.08
CA PHE B 74 -7.25 13.10 6.38
C PHE B 74 -7.39 13.85 5.07
N GLN B 75 -8.39 13.47 4.28
CA GLN B 75 -8.63 14.08 2.99
C GLN B 75 -8.83 15.58 3.09
N LYS B 76 -9.64 16.02 4.04
CA LYS B 76 -9.93 17.44 4.21
C LYS B 76 -8.72 18.21 4.68
N ALA B 77 -8.10 17.76 5.76
CA ALA B 77 -6.92 18.42 6.32
C ALA B 77 -5.83 18.60 5.26
N MET B 78 -5.55 17.53 4.52
CA MET B 78 -4.55 17.56 3.46
C MET B 78 -4.94 18.53 2.35
N GLY B 79 -6.21 18.51 1.97
CA GLY B 79 -6.67 19.41 0.92
C GLY B 79 -6.45 20.85 1.34
N GLU B 80 -6.69 21.14 2.61
CA GLU B 80 -6.52 22.48 3.16
C GLU B 80 -5.05 22.87 3.27
N LEU B 81 -4.22 21.92 3.68
CA LEU B 81 -2.79 22.17 3.83
C LEU B 81 -2.18 22.57 2.50
N ILE B 82 -2.59 21.86 1.45
CA ILE B 82 -2.06 22.12 0.11
C ILE B 82 -2.67 23.31 -0.63
N LEU B 83 -3.99 23.30 -0.80
CA LEU B 83 -4.66 24.35 -1.54
C LEU B 83 -5.15 25.54 -0.72
N GLY B 84 -5.09 25.42 0.59
CA GLY B 84 -5.54 26.50 1.44
C GLY B 84 -7.01 26.82 1.17
N ASP B 85 -7.33 28.10 1.11
CA ASP B 85 -8.70 28.53 0.86
C ASP B 85 -9.13 28.36 -0.59
N GLY B 86 -8.22 27.85 -1.42
CA GLY B 86 -8.52 27.62 -2.82
C GLY B 86 -9.07 26.21 -3.00
N LEU B 87 -9.44 25.56 -1.90
CA LEU B 87 -9.96 24.20 -1.93
C LEU B 87 -11.46 24.16 -2.21
N LYS B 88 -11.79 23.76 -3.43
CA LYS B 88 -13.19 23.64 -3.85
C LYS B 88 -13.55 22.15 -3.76
N SER B 89 -14.08 21.76 -2.62
CA SER B 89 -14.47 20.37 -2.38
C SER B 89 -15.41 19.77 -3.43
N GLU B 90 -16.36 20.58 -3.92
CA GLU B 90 -17.32 20.09 -4.90
C GLU B 90 -16.70 19.62 -6.21
N THR B 91 -15.47 20.02 -6.47
CA THR B 91 -14.78 19.64 -7.69
C THR B 91 -13.44 18.95 -7.41
N THR B 92 -13.22 18.58 -6.15
CA THR B 92 -11.97 17.92 -5.77
C THR B 92 -12.19 16.50 -5.27
N ALA B 93 -11.48 15.56 -5.88
CA ALA B 93 -11.55 14.15 -5.50
C ALA B 93 -10.25 13.88 -4.75
N THR B 94 -10.32 13.16 -3.63
CA THR B 94 -9.14 12.89 -2.82
C THR B 94 -8.95 11.40 -2.58
N LEU B 95 -7.71 10.95 -2.66
CA LEU B 95 -7.40 9.54 -2.45
C LEU B 95 -6.16 9.36 -1.57
N ALA B 96 -6.31 8.71 -0.42
CA ALA B 96 -5.18 8.44 0.47
C ALA B 96 -4.37 7.34 -0.22
N THR B 97 -3.06 7.48 -0.21
CA THR B 97 -2.20 6.51 -0.88
C THR B 97 -1.04 6.02 -0.01
N VAL B 98 -0.30 5.06 -0.54
CA VAL B 98 0.86 4.49 0.16
C VAL B 98 2.03 5.41 -0.18
N GLY B 99 2.12 6.51 0.54
CA GLY B 99 3.18 7.48 0.33
C GLY B 99 2.98 8.29 -0.93
N GLY B 100 3.91 9.21 -1.17
CA GLY B 100 3.85 10.05 -2.37
C GLY B 100 4.11 9.24 -3.62
N THR B 101 4.97 8.24 -3.51
CA THR B 101 5.27 7.38 -4.67
C THR B 101 3.97 6.68 -5.09
N GLY B 102 3.22 6.21 -4.11
CA GLY B 102 1.96 5.55 -4.40
C GLY B 102 1.02 6.54 -5.08
N ALA B 103 1.09 7.80 -4.67
CA ALA B 103 0.25 8.86 -5.23
C ALA B 103 0.59 9.08 -6.69
N LEU B 104 1.89 9.04 -7.02
CA LEU B 104 2.34 9.24 -8.39
C LEU B 104 1.84 8.11 -9.29
N ARG B 105 2.12 6.87 -8.87
CA ARG B 105 1.70 5.68 -9.61
C ARG B 105 0.19 5.72 -9.86
N GLN B 106 -0.57 5.99 -8.81
CA GLN B 106 -2.03 6.07 -8.91
C GLN B 106 -2.46 7.21 -9.84
N ALA B 107 -1.64 8.27 -9.90
CA ALA B 107 -1.90 9.42 -10.76
C ALA B 107 -1.75 9.02 -12.22
N LEU B 108 -0.72 8.25 -12.51
CA LEU B 108 -0.43 7.79 -13.87
C LEU B 108 -1.48 6.79 -14.38
N GLU B 109 -1.97 5.94 -13.47
CA GLU B 109 -2.99 4.95 -13.80
C GLU B 109 -4.32 5.65 -14.10
N LEU B 110 -4.67 6.64 -13.29
CA LEU B 110 -5.92 7.40 -13.48
C LEU B 110 -5.89 8.10 -14.83
N ALA B 111 -4.79 8.78 -15.12
CA ALA B 111 -4.62 9.51 -16.36
C ALA B 111 -4.66 8.59 -17.58
N ARG B 112 -3.95 7.45 -17.52
CA ARG B 112 -3.93 6.50 -18.63
C ARG B 112 -5.30 5.89 -18.90
N MET B 113 -6.10 5.73 -17.85
CA MET B 113 -7.44 5.19 -18.00
C MET B 113 -8.28 6.19 -18.81
N ALA B 114 -8.10 7.48 -18.53
CA ALA B 114 -8.82 8.54 -19.21
C ALA B 114 -8.23 8.86 -20.58
N ASN B 115 -6.96 8.54 -20.76
CA ASN B 115 -6.28 8.80 -22.03
C ASN B 115 -5.23 7.72 -22.28
N PRO B 116 -5.63 6.63 -22.94
CA PRO B 116 -4.75 5.51 -23.27
C PRO B 116 -3.50 5.94 -24.05
N ASP B 117 -3.59 7.08 -24.75
CA ASP B 117 -2.46 7.55 -25.54
C ASP B 117 -1.69 8.70 -24.92
N LEU B 118 -1.77 8.88 -23.62
CA LEU B 118 -1.05 9.98 -22.99
C LEU B 118 0.46 9.84 -23.01
N ARG B 119 1.15 10.97 -23.01
CA ARG B 119 2.61 11.03 -22.99
C ARG B 119 2.91 11.87 -21.76
N VAL B 120 4.07 11.67 -21.17
CA VAL B 120 4.44 12.43 -19.98
C VAL B 120 5.72 13.22 -20.20
N PHE B 121 5.66 14.52 -19.95
CA PHE B 121 6.81 15.41 -20.05
C PHE B 121 7.42 15.50 -18.65
N VAL B 122 8.72 15.22 -18.53
CA VAL B 122 9.40 15.31 -17.25
C VAL B 122 10.58 16.26 -17.36
N SER B 123 10.94 16.90 -16.25
CA SER B 123 12.04 17.85 -16.25
C SER B 123 13.40 17.21 -16.47
N ASP B 124 14.29 17.96 -17.12
CA ASP B 124 15.64 17.50 -17.36
C ASP B 124 16.58 18.25 -16.40
N PRO B 125 17.01 17.60 -15.31
CA PRO B 125 16.69 16.23 -14.90
C PRO B 125 15.50 16.14 -13.94
N THR B 126 15.25 14.95 -13.42
CA THR B 126 14.16 14.74 -12.48
C THR B 126 14.46 13.53 -11.59
N TRP B 127 13.61 13.35 -10.59
CA TRP B 127 13.71 12.23 -9.66
C TRP B 127 13.67 10.98 -10.53
N PRO B 128 14.74 10.18 -10.50
CA PRO B 128 14.86 8.94 -11.29
C PRO B 128 13.65 8.01 -11.17
N ASN B 129 13.07 7.94 -9.99
CA ASN B 129 11.92 7.10 -9.75
C ASN B 129 10.71 7.48 -10.59
N HIS B 130 10.72 8.71 -11.10
CA HIS B 130 9.63 9.17 -11.96
C HIS B 130 9.67 8.37 -13.26
N VAL B 131 10.85 8.31 -13.85
CA VAL B 131 11.04 7.60 -15.11
C VAL B 131 10.94 6.08 -15.00
N SER B 132 11.43 5.52 -13.90
CA SER B 132 11.38 4.07 -13.73
C SER B 132 9.95 3.59 -13.74
N ILE B 133 9.08 4.27 -13.01
CA ILE B 133 7.67 3.90 -12.94
C ILE B 133 6.99 4.05 -14.31
N MET B 134 7.25 5.15 -14.99
CA MET B 134 6.68 5.38 -16.31
C MET B 134 7.12 4.31 -17.30
N ASN B 135 8.40 3.93 -17.24
CA ASN B 135 8.94 2.89 -18.12
C ASN B 135 8.22 1.58 -17.83
N PHE B 136 8.13 1.24 -16.54
CA PHE B 136 7.45 0.03 -16.10
C PHE B 136 6.03 -0.02 -16.67
N MET B 137 5.30 1.09 -16.54
CA MET B 137 3.94 1.15 -17.06
C MET B 137 3.89 1.16 -18.58
N GLY B 138 5.01 1.52 -19.21
CA GLY B 138 5.08 1.58 -20.66
C GLY B 138 4.56 2.88 -21.25
N LEU B 139 4.72 3.97 -20.52
CA LEU B 139 4.28 5.28 -20.97
C LEU B 139 5.39 6.04 -21.67
N PRO B 140 5.08 6.73 -22.79
CA PRO B 140 6.05 7.51 -23.56
C PRO B 140 6.48 8.74 -22.77
N VAL B 141 7.78 8.90 -22.59
CA VAL B 141 8.31 10.02 -21.81
C VAL B 141 9.13 11.01 -22.62
N GLN B 142 8.71 12.27 -22.59
CA GLN B 142 9.41 13.36 -23.28
C GLN B 142 10.03 14.15 -22.13
N THR B 143 11.12 14.87 -22.41
CA THR B 143 11.74 15.66 -21.37
C THR B 143 11.75 17.12 -21.79
N TYR B 144 11.62 18.02 -20.82
CA TYR B 144 11.67 19.43 -21.12
C TYR B 144 12.88 20.00 -20.43
N ARG B 145 13.51 20.98 -21.07
CA ARG B 145 14.69 21.63 -20.51
C ARG B 145 14.29 22.32 -19.21
N TYR B 146 15.14 22.19 -18.19
CA TYR B 146 14.85 22.78 -16.91
C TYR B 146 16.12 23.30 -16.24
N PHE B 147 17.10 22.43 -16.02
CA PHE B 147 18.33 22.83 -15.37
C PHE B 147 19.35 23.42 -16.33
N ASP B 148 19.98 24.51 -15.91
CA ASP B 148 21.00 25.19 -16.70
C ASP B 148 22.33 24.84 -16.04
N ALA B 149 23.04 23.88 -16.62
CA ALA B 149 24.32 23.42 -16.08
C ALA B 149 25.36 24.53 -15.86
N GLU B 150 25.30 25.56 -16.68
CA GLU B 150 26.21 26.70 -16.58
C GLU B 150 25.92 27.55 -15.35
N THR B 151 24.73 28.14 -15.33
CA THR B 151 24.32 29.02 -14.24
C THR B 151 23.85 28.28 -12.99
N ARG B 152 23.66 26.97 -13.12
CA ARG B 152 23.14 26.15 -12.02
C ARG B 152 21.73 26.58 -11.65
N GLY B 153 21.12 27.39 -12.50
CA GLY B 153 19.78 27.86 -12.26
C GLY B 153 18.81 27.18 -13.21
N VAL B 154 17.69 27.82 -13.50
CA VAL B 154 16.70 27.26 -14.39
C VAL B 154 16.80 27.86 -15.80
N ASP B 155 16.72 27.00 -16.81
CA ASP B 155 16.75 27.41 -18.20
C ASP B 155 15.28 27.60 -18.54
N PHE B 156 14.70 28.69 -18.05
CA PHE B 156 13.28 28.97 -18.27
C PHE B 156 12.89 29.14 -19.73
N GLU B 157 13.78 29.75 -20.52
CA GLU B 157 13.53 29.94 -21.94
C GLU B 157 13.39 28.60 -22.65
N GLY B 158 14.26 27.65 -22.30
CA GLY B 158 14.20 26.34 -22.91
C GLY B 158 12.97 25.57 -22.46
N MET B 159 12.62 25.71 -21.18
CA MET B 159 11.45 25.05 -20.61
C MET B 159 10.16 25.49 -21.31
N LYS B 160 10.03 26.81 -21.50
CA LYS B 160 8.86 27.38 -22.17
C LYS B 160 8.73 26.86 -23.59
N ALA B 161 9.86 26.74 -24.28
CA ALA B 161 9.90 26.26 -25.65
C ALA B 161 9.41 24.82 -25.75
N ASP B 162 10.02 23.94 -24.96
CA ASP B 162 9.68 22.52 -24.95
C ASP B 162 8.25 22.25 -24.51
N LEU B 163 7.77 22.99 -23.53
CA LEU B 163 6.41 22.80 -23.04
C LEU B 163 5.35 23.24 -24.05
N ALA B 164 5.67 24.26 -24.84
CA ALA B 164 4.74 24.77 -25.85
C ALA B 164 4.47 23.73 -26.93
N ALA B 165 5.35 22.74 -27.03
CA ALA B 165 5.21 21.68 -28.03
C ALA B 165 4.27 20.56 -27.56
N ALA B 166 3.86 20.62 -26.29
CA ALA B 166 2.96 19.60 -25.74
C ALA B 166 1.59 19.74 -26.41
N LYS B 167 0.82 18.66 -26.37
CA LYS B 167 -0.51 18.69 -26.97
C LYS B 167 -1.55 18.35 -25.91
N LYS B 168 -2.82 18.60 -26.21
CA LYS B 168 -3.89 18.31 -25.26
C LYS B 168 -3.90 16.81 -25.00
N GLY B 169 -4.11 16.43 -23.74
CA GLY B 169 -4.11 15.02 -23.40
C GLY B 169 -2.79 14.60 -22.80
N ASP B 170 -1.74 15.38 -23.06
CA ASP B 170 -0.43 15.09 -22.51
C ASP B 170 -0.39 15.53 -21.05
N MET B 171 0.56 14.99 -20.32
CA MET B 171 0.72 15.32 -18.92
C MET B 171 2.09 15.93 -18.71
N VAL B 172 2.12 17.01 -17.93
CA VAL B 172 3.37 17.67 -17.63
C VAL B 172 3.61 17.52 -16.13
N LEU B 173 4.73 16.87 -15.80
CA LEU B 173 5.08 16.64 -14.41
C LEU B 173 5.95 17.80 -13.91
N LEU B 174 5.45 18.50 -12.90
CA LEU B 174 6.15 19.63 -12.29
C LEU B 174 6.41 19.35 -10.82
N HIS B 175 7.53 19.86 -10.31
CA HIS B 175 7.85 19.72 -8.89
C HIS B 175 7.29 20.99 -8.27
N GLY B 176 6.43 20.84 -7.26
CA GLY B 176 5.83 21.99 -6.62
C GLY B 176 6.80 22.99 -6.03
N CYS B 177 7.87 22.47 -5.43
CA CYS B 177 8.91 23.28 -4.82
C CYS B 177 10.06 22.35 -4.51
N CYS B 178 11.19 22.91 -4.07
CA CYS B 178 12.37 22.13 -3.70
C CYS B 178 12.66 21.02 -4.71
N HIS B 179 12.96 21.42 -5.94
CA HIS B 179 13.23 20.51 -7.04
C HIS B 179 14.29 19.45 -6.76
N ASN B 180 13.86 18.19 -6.81
CA ASN B 180 14.74 17.04 -6.60
C ASN B 180 15.12 16.61 -8.02
N PRO B 181 16.43 16.45 -8.31
CA PRO B 181 17.65 16.62 -7.50
C PRO B 181 18.43 17.94 -7.57
N THR B 182 18.01 18.88 -8.42
CA THR B 182 18.76 20.12 -8.58
C THR B 182 18.73 21.21 -7.51
N GLY B 183 17.57 21.43 -6.90
CA GLY B 183 17.44 22.47 -5.90
C GLY B 183 17.13 23.81 -6.56
N ALA B 184 17.00 23.80 -7.90
CA ALA B 184 16.69 25.01 -8.68
C ALA B 184 15.18 25.13 -8.78
N ASN B 185 14.64 26.28 -8.40
CA ASN B 185 13.20 26.47 -8.40
C ASN B 185 12.65 27.65 -9.20
N LEU B 186 11.39 27.53 -9.60
CA LEU B 186 10.70 28.57 -10.36
C LEU B 186 10.17 29.64 -9.42
N THR B 187 10.14 30.87 -9.90
CA THR B 187 9.62 32.00 -9.12
C THR B 187 8.12 32.04 -9.44
N LEU B 188 7.37 32.81 -8.67
CA LEU B 188 5.93 32.88 -8.89
C LEU B 188 5.60 33.46 -10.25
N ASP B 189 6.46 34.34 -10.75
CA ASP B 189 6.22 34.94 -12.07
C ASP B 189 6.41 33.89 -13.15
N GLN B 190 7.42 33.04 -12.98
CA GLN B 190 7.69 31.97 -13.93
C GLN B 190 6.53 30.96 -13.89
N TRP B 191 5.94 30.77 -12.72
CA TRP B 191 4.81 29.86 -12.56
C TRP B 191 3.59 30.36 -13.33
N ALA B 192 3.32 31.66 -13.22
CA ALA B 192 2.19 32.28 -13.91
C ALA B 192 2.37 32.09 -15.42
N GLU B 193 3.62 32.21 -15.86
CA GLU B 193 3.99 32.05 -17.27
C GLU B 193 3.71 30.61 -17.71
N ILE B 194 4.05 29.65 -16.84
CA ILE B 194 3.83 28.24 -17.12
C ILE B 194 2.34 27.94 -17.22
N ALA B 195 1.54 28.61 -16.37
CA ALA B 195 0.09 28.42 -16.38
C ALA B 195 -0.50 28.81 -17.73
N SER B 196 0.07 29.86 -18.33
CA SER B 196 -0.37 30.34 -19.64
C SER B 196 -0.15 29.28 -20.70
N ILE B 197 1.04 28.70 -20.70
CA ILE B 197 1.39 27.65 -21.66
C ILE B 197 0.47 26.45 -21.48
N LEU B 198 0.28 26.03 -20.23
CA LEU B 198 -0.58 24.89 -19.92
C LEU B 198 -2.00 25.07 -20.42
N GLU B 199 -2.55 26.27 -20.26
CA GLU B 199 -3.90 26.54 -20.73
C GLU B 199 -3.96 26.62 -22.26
N LYS B 200 -2.91 27.14 -22.87
CA LYS B 200 -2.85 27.25 -24.33
C LYS B 200 -2.75 25.89 -25.02
N THR B 201 -2.03 24.94 -24.39
CA THR B 201 -1.85 23.61 -24.96
C THR B 201 -2.87 22.58 -24.48
N GLY B 202 -3.49 22.84 -23.34
CA GLY B 202 -4.47 21.91 -22.80
C GLY B 202 -3.85 20.70 -22.12
N ALA B 203 -2.56 20.80 -21.80
CA ALA B 203 -1.84 19.71 -21.15
C ALA B 203 -2.25 19.65 -19.68
N LEU B 204 -2.40 18.43 -19.16
CA LEU B 204 -2.78 18.22 -17.76
C LEU B 204 -1.56 18.24 -16.86
N PRO B 205 -1.53 19.16 -15.89
CA PRO B 205 -0.38 19.21 -14.98
C PRO B 205 -0.51 18.22 -13.81
N LEU B 206 0.59 17.52 -13.54
CA LEU B 206 0.67 16.59 -12.42
C LEU B 206 1.76 17.22 -11.58
N ILE B 207 1.41 17.63 -10.36
CA ILE B 207 2.38 18.27 -9.49
C ILE B 207 2.83 17.34 -8.39
N ASP B 208 4.14 17.15 -8.31
CA ASP B 208 4.74 16.30 -7.29
C ASP B 208 5.08 17.27 -6.15
N LEU B 209 4.34 17.16 -5.05
CA LEU B 209 4.56 18.01 -3.88
C LEU B 209 5.09 17.15 -2.74
N ALA B 210 6.40 17.01 -2.67
CA ALA B 210 7.02 16.17 -1.65
C ALA B 210 7.75 16.90 -0.53
N TYR B 211 8.08 18.17 -0.75
CA TYR B 211 8.81 18.95 0.25
C TYR B 211 8.16 20.25 0.71
N GLN B 212 6.83 20.26 0.85
CA GLN B 212 6.14 21.47 1.30
C GLN B 212 6.58 21.81 2.73
N GLY B 213 7.23 22.94 2.88
CA GLY B 213 7.72 23.37 4.19
C GLY B 213 9.23 23.39 4.27
N PHE B 214 9.92 22.81 3.29
CA PHE B 214 11.38 22.78 3.30
C PHE B 214 12.03 23.89 2.46
N GLY B 215 11.24 24.56 1.64
CA GLY B 215 11.77 25.62 0.82
C GLY B 215 11.76 26.96 1.53
N ASP B 216 10.68 27.72 1.36
CA ASP B 216 10.52 29.02 1.96
C ASP B 216 9.42 29.10 3.03
N GLY B 217 8.72 28.00 3.25
CA GLY B 217 7.66 27.99 4.25
C GLY B 217 6.45 27.21 3.77
N LEU B 218 5.64 26.71 4.70
CA LEU B 218 4.45 25.93 4.37
C LEU B 218 3.58 26.58 3.30
N GLU B 219 3.13 27.80 3.59
CA GLU B 219 2.28 28.53 2.67
C GLU B 219 3.02 28.91 1.39
N GLU B 220 4.23 29.45 1.54
CA GLU B 220 5.01 29.88 0.38
C GLU B 220 5.35 28.76 -0.59
N ASP B 221 5.61 27.56 -0.07
CA ASP B 221 5.96 26.42 -0.92
C ASP B 221 4.78 25.91 -1.74
N ALA B 222 3.57 26.26 -1.33
CA ALA B 222 2.35 25.86 -2.04
C ALA B 222 1.87 26.93 -3.03
N ALA B 223 2.51 28.10 -2.99
CA ALA B 223 2.16 29.23 -3.87
C ALA B 223 2.00 28.88 -5.34
N GLY B 224 3.00 28.19 -5.89
CA GLY B 224 2.95 27.81 -7.29
C GLY B 224 1.83 26.83 -7.61
N THR B 225 1.60 25.89 -6.69
CA THR B 225 0.55 24.89 -6.85
C THR B 225 -0.82 25.56 -6.83
N ARG B 226 -0.99 26.49 -5.91
CA ARG B 226 -2.24 27.24 -5.77
C ARG B 226 -2.50 28.10 -7.01
N LEU B 227 -1.43 28.60 -7.62
CA LEU B 227 -1.56 29.41 -8.81
C LEU B 227 -2.06 28.55 -9.99
N ILE B 228 -1.48 27.37 -10.19
CA ILE B 228 -1.92 26.49 -11.28
C ILE B 228 -3.35 26.04 -11.03
N ALA B 229 -3.69 25.77 -9.77
CA ALA B 229 -5.03 25.30 -9.40
C ALA B 229 -6.13 26.33 -9.65
N SER B 230 -5.77 27.61 -9.61
CA SER B 230 -6.75 28.66 -9.83
C SER B 230 -6.86 28.96 -11.32
N ARG B 231 -5.78 28.70 -12.04
CA ARG B 231 -5.75 28.94 -13.47
C ARG B 231 -6.32 27.77 -14.28
N ILE B 232 -5.70 26.61 -14.13
CA ILE B 232 -6.08 25.41 -14.85
C ILE B 232 -7.23 24.68 -14.17
N PRO B 233 -8.34 24.45 -14.91
CA PRO B 233 -9.55 23.77 -14.43
C PRO B 233 -9.39 22.31 -13.98
N GLU B 234 -8.40 21.63 -14.53
CA GLU B 234 -8.17 20.22 -14.20
C GLU B 234 -6.69 20.01 -13.86
N VAL B 235 -6.41 19.54 -12.67
CA VAL B 235 -5.02 19.32 -12.24
C VAL B 235 -4.92 18.20 -11.22
N LEU B 236 -3.82 17.46 -11.27
CA LEU B 236 -3.55 16.36 -10.36
C LEU B 236 -2.40 16.72 -9.44
N ILE B 237 -2.52 16.43 -8.14
CA ILE B 237 -1.45 16.73 -7.20
C ILE B 237 -1.13 15.50 -6.35
N ALA B 238 0.13 15.06 -6.40
CA ALA B 238 0.60 13.91 -5.63
C ALA B 238 1.42 14.45 -4.46
N ALA B 239 0.85 14.35 -3.26
CA ALA B 239 1.52 14.86 -2.07
C ALA B 239 2.10 13.78 -1.16
N SER B 240 3.22 14.09 -0.52
CA SER B 240 3.88 13.16 0.39
C SER B 240 3.99 13.77 1.78
N CYS B 241 3.70 12.96 2.80
CA CYS B 241 3.80 13.39 4.19
C CYS B 241 5.06 12.80 4.81
N SER B 242 5.84 12.07 4.00
CA SER B 242 7.06 11.42 4.47
C SER B 242 8.10 12.36 5.07
N LYS B 243 8.46 13.41 4.34
CA LYS B 243 9.48 14.32 4.80
C LYS B 243 9.01 15.47 5.70
N ASN B 244 7.90 16.12 5.39
CA ASN B 244 7.44 17.22 6.24
C ASN B 244 6.84 16.82 7.60
N PHE B 245 6.45 15.55 7.74
CA PHE B 245 5.93 15.06 9.01
C PHE B 245 6.91 14.04 9.63
N GLY B 246 7.99 13.75 8.90
CA GLY B 246 8.99 12.81 9.37
C GLY B 246 8.50 11.39 9.60
N ILE B 247 7.51 10.96 8.83
CA ILE B 247 6.93 9.62 8.96
C ILE B 247 7.18 8.76 7.72
N TYR B 248 8.38 8.88 7.16
CA TYR B 248 8.80 8.16 5.96
C TYR B 248 8.31 6.70 5.87
N ARG B 249 8.63 5.89 6.88
CA ARG B 249 8.27 4.47 6.89
C ARG B 249 6.78 4.14 7.06
N GLU B 250 5.96 5.12 7.41
CA GLU B 250 4.52 4.87 7.59
C GLU B 250 3.79 4.76 6.24
N ARG B 251 4.37 5.35 5.22
CA ARG B 251 3.82 5.33 3.88
C ARG B 251 2.47 6.06 3.82
N THR B 252 2.55 7.39 3.85
CA THR B 252 1.35 8.20 3.81
C THR B 252 1.50 9.41 2.90
N GLY B 253 0.51 9.55 2.02
CA GLY B 253 0.46 10.65 1.08
C GLY B 253 -0.92 10.61 0.47
N CYS B 254 -1.20 11.44 -0.52
CA CYS B 254 -2.52 11.41 -1.14
C CYS B 254 -2.53 12.07 -2.51
N LEU B 255 -3.47 11.63 -3.33
CA LEU B 255 -3.62 12.16 -4.67
C LEU B 255 -4.86 13.02 -4.68
N LEU B 256 -4.73 14.23 -5.20
CA LEU B 256 -5.86 15.15 -5.30
C LEU B 256 -6.13 15.35 -6.78
N ALA B 257 -7.40 15.22 -7.16
CA ALA B 257 -7.83 15.40 -8.55
C ALA B 257 -8.80 16.55 -8.64
N LEU B 258 -8.33 17.69 -9.14
CA LEU B 258 -9.16 18.88 -9.29
C LEU B 258 -9.85 18.81 -10.64
N CYS B 259 -11.18 18.85 -10.63
CA CYS B 259 -11.97 18.76 -11.84
C CYS B 259 -12.78 20.02 -12.11
N ALA B 260 -13.20 20.18 -13.36
CA ALA B 260 -13.98 21.34 -13.78
C ALA B 260 -15.40 21.39 -13.21
N ASP B 261 -16.00 20.22 -12.97
CA ASP B 261 -17.34 20.18 -12.42
C ASP B 261 -17.53 19.00 -11.48
N ALA B 262 -18.62 19.05 -10.72
CA ALA B 262 -18.95 18.00 -9.75
C ALA B 262 -19.17 16.63 -10.37
N ALA B 263 -19.70 16.60 -11.59
CA ALA B 263 -19.95 15.34 -12.27
C ALA B 263 -18.63 14.62 -12.54
N THR B 264 -17.66 15.33 -13.10
CA THR B 264 -16.35 14.75 -13.39
C THR B 264 -15.67 14.38 -12.07
N ARG B 265 -15.96 15.15 -11.03
CA ARG B 265 -15.40 14.91 -9.72
C ARG B 265 -15.87 13.54 -9.23
N GLU B 266 -17.15 13.26 -9.43
CA GLU B 266 -17.73 11.98 -9.03
C GLU B 266 -17.08 10.84 -9.81
N LEU B 267 -16.85 11.06 -11.09
CA LEU B 267 -16.22 10.05 -11.94
C LEU B 267 -14.81 9.74 -11.45
N ALA B 268 -14.04 10.79 -11.22
CA ALA B 268 -12.65 10.67 -10.77
C ALA B 268 -12.59 9.98 -9.42
N GLN B 269 -13.44 10.40 -8.49
CA GLN B 269 -13.46 9.81 -7.16
C GLN B 269 -13.72 8.31 -7.23
N GLY B 270 -14.68 7.92 -8.05
CA GLY B 270 -15.00 6.50 -8.19
C GLY B 270 -13.85 5.70 -8.78
N ALA B 271 -13.20 6.25 -9.80
CA ALA B 271 -12.09 5.58 -10.46
C ALA B 271 -10.88 5.47 -9.54
N MET B 272 -10.70 6.45 -8.67
CA MET B 272 -9.59 6.48 -7.73
C MET B 272 -9.80 5.42 -6.65
N ALA B 273 -11.04 5.29 -6.17
CA ALA B 273 -11.37 4.30 -5.15
C ALA B 273 -11.17 2.91 -5.74
N PHE B 274 -11.60 2.75 -6.99
CA PHE B 274 -11.47 1.50 -7.73
C PHE B 274 -9.99 1.11 -7.81
N LEU B 275 -9.14 2.10 -8.09
CA LEU B 275 -7.69 1.90 -8.20
C LEU B 275 -7.06 1.33 -6.93
N ASN B 276 -7.50 1.82 -5.77
CA ASN B 276 -6.97 1.33 -4.49
C ASN B 276 -7.48 -0.09 -4.28
N ARG B 277 -8.75 -0.31 -4.59
CA ARG B 277 -9.37 -1.61 -4.41
C ARG B 277 -8.65 -2.72 -5.20
N GLN B 278 -8.29 -2.45 -6.45
CA GLN B 278 -7.64 -3.43 -7.29
C GLN B 278 -6.14 -3.61 -7.04
N THR B 279 -5.54 -2.67 -6.32
CA THR B 279 -4.11 -2.74 -6.04
C THR B 279 -3.75 -3.30 -4.67
N TYR B 280 -4.48 -2.91 -3.63
CA TYR B 280 -4.20 -3.40 -2.27
C TYR B 280 -5.40 -3.25 -1.34
N SER B 281 -6.57 -3.00 -1.92
CA SER B 281 -7.78 -2.84 -1.13
C SER B 281 -7.70 -1.49 -0.41
N PHE B 282 -7.70 -1.50 0.93
CA PHE B 282 -7.64 -0.27 1.71
C PHE B 282 -6.23 0.29 1.88
N PRO B 283 -6.12 1.63 2.01
CA PRO B 283 -4.81 2.28 2.21
C PRO B 283 -4.42 2.20 3.69
N PRO B 284 -3.10 2.27 3.99
CA PRO B 284 -2.66 2.20 5.39
C PRO B 284 -3.19 3.35 6.25
N PHE B 285 -3.65 3.01 7.45
CA PHE B 285 -4.25 3.95 8.39
C PHE B 285 -3.34 4.74 9.34
N HIS B 286 -2.34 4.09 9.91
CA HIS B 286 -1.48 4.74 10.91
C HIS B 286 -0.91 6.13 10.62
N GLY B 287 -0.24 6.30 9.49
CA GLY B 287 0.35 7.59 9.17
C GLY B 287 -0.67 8.66 8.85
N ALA B 288 -1.73 8.27 8.14
CA ALA B 288 -2.81 9.21 7.77
C ALA B 288 -3.49 9.76 9.02
N LYS B 289 -3.65 8.90 10.01
CA LYS B 289 -4.27 9.27 11.28
C LYS B 289 -3.38 10.23 12.06
N ILE B 290 -2.07 9.99 12.02
CA ILE B 290 -1.12 10.85 12.71
C ILE B 290 -1.22 12.25 12.12
N VAL B 291 -1.18 12.31 10.80
CA VAL B 291 -1.26 13.57 10.06
C VAL B 291 -2.53 14.37 10.35
N SER B 292 -3.69 13.73 10.27
CA SER B 292 -4.95 14.45 10.53
C SER B 292 -5.06 14.87 12.00
N THR B 293 -4.50 14.06 12.90
CA THR B 293 -4.53 14.39 14.32
C THR B 293 -3.70 15.66 14.56
N VAL B 294 -2.53 15.73 13.94
CA VAL B 294 -1.67 16.88 14.09
C VAL B 294 -2.36 18.11 13.51
N LEU B 295 -2.81 17.99 12.28
CA LEU B 295 -3.48 19.05 11.55
C LEU B 295 -4.78 19.60 12.14
N THR B 296 -5.56 18.75 12.81
CA THR B 296 -6.83 19.20 13.38
C THR B 296 -6.77 19.56 14.87
N THR B 297 -5.61 19.38 15.49
CA THR B 297 -5.44 19.71 16.89
C THR B 297 -4.53 20.94 16.98
N PRO B 298 -5.12 22.13 17.18
CA PRO B 298 -4.42 23.42 17.27
C PRO B 298 -3.06 23.40 17.96
N GLU B 299 -3.00 22.81 19.15
CA GLU B 299 -1.75 22.72 19.90
C GLU B 299 -0.69 21.93 19.14
N LEU B 300 -1.10 20.81 18.55
CA LEU B 300 -0.20 19.95 17.79
C LEU B 300 0.26 20.59 16.48
N ARG B 301 -0.68 21.21 15.75
CA ARG B 301 -0.35 21.89 14.49
C ARG B 301 0.65 23.00 14.74
N ALA B 302 0.45 23.74 15.82
CA ALA B 302 1.34 24.84 16.17
C ALA B 302 2.76 24.37 16.41
N ASP B 303 2.93 23.35 17.25
CA ASP B 303 4.27 22.83 17.53
C ASP B 303 4.93 22.22 16.29
N TRP B 304 4.12 21.57 15.46
CA TRP B 304 4.61 20.97 14.22
C TRP B 304 5.15 22.05 13.30
N MET B 305 4.39 23.14 13.13
CA MET B 305 4.82 24.24 12.28
C MET B 305 6.13 24.83 12.80
N ALA B 306 6.23 24.94 14.12
CA ALA B 306 7.44 25.50 14.74
C ALA B 306 8.66 24.63 14.51
N GLU B 307 8.48 23.32 14.64
CA GLU B 307 9.60 22.39 14.45
C GLU B 307 10.02 22.35 12.99
N LEU B 308 9.04 22.36 12.08
CA LEU B 308 9.33 22.33 10.65
C LEU B 308 10.09 23.60 10.25
N GLU B 309 9.71 24.73 10.86
CA GLU B 309 10.36 26.01 10.59
C GLU B 309 11.81 25.98 11.05
N ALA B 310 12.04 25.35 12.21
CA ALA B 310 13.38 25.20 12.76
C ALA B 310 14.27 24.40 11.81
N VAL B 311 13.73 23.32 11.26
CA VAL B 311 14.46 22.48 10.32
C VAL B 311 14.82 23.32 9.09
N ARG B 312 13.81 23.98 8.55
CA ARG B 312 13.94 24.85 7.38
C ARG B 312 15.05 25.89 7.56
N SER B 313 14.95 26.68 8.63
CA SER B 313 15.93 27.71 8.92
C SER B 313 17.33 27.12 9.08
N GLY B 314 17.41 26.00 9.79
CA GLY B 314 18.68 25.33 10.02
C GLY B 314 19.38 24.97 8.72
N MET B 315 18.66 24.33 7.81
CA MET B 315 19.22 23.92 6.54
C MET B 315 19.70 25.13 5.74
N LEU B 316 18.91 26.19 5.79
CA LEU B 316 19.25 27.43 5.08
C LEU B 316 20.57 27.98 5.62
N ARG B 317 20.76 27.88 6.93
CA ARG B 317 21.98 28.34 7.58
C ARG B 317 23.15 27.51 7.06
N LEU B 318 22.95 26.20 6.97
CA LEU B 318 23.98 25.30 6.48
C LEU B 318 24.42 25.65 5.08
N ARG B 319 23.47 25.94 4.20
CA ARG B 319 23.79 26.31 2.81
C ARG B 319 24.72 27.52 2.77
N GLU B 320 24.39 28.55 3.55
CA GLU B 320 25.20 29.75 3.60
C GLU B 320 26.59 29.44 4.15
N GLN B 321 26.67 28.58 5.16
CA GLN B 321 27.95 28.19 5.74
C GLN B 321 28.82 27.54 4.66
N LEU B 322 28.23 26.57 3.97
CA LEU B 322 28.92 25.84 2.92
C LEU B 322 29.41 26.77 1.82
N ALA B 323 28.54 27.70 1.40
CA ALA B 323 28.90 28.65 0.36
C ALA B 323 30.10 29.48 0.81
N GLY B 324 30.03 29.99 2.03
CA GLY B 324 31.11 30.80 2.57
C GLY B 324 32.44 30.06 2.65
N GLU B 325 32.39 28.87 3.23
CA GLU B 325 33.57 28.03 3.37
C GLU B 325 34.23 27.85 2.02
N LEU B 326 33.45 27.44 1.03
CA LEU B 326 33.95 27.22 -0.32
C LEU B 326 34.53 28.49 -0.91
N ARG B 327 33.89 29.62 -0.64
CA ARG B 327 34.36 30.91 -1.15
C ARG B 327 35.80 31.16 -0.69
N ASP B 328 36.05 30.96 0.60
CA ASP B 328 37.37 31.17 1.17
C ASP B 328 38.43 30.25 0.54
N LEU B 329 38.09 28.98 0.39
CA LEU B 329 38.99 28.00 -0.19
C LEU B 329 39.23 28.15 -1.68
N SER B 330 38.18 28.45 -2.43
CA SER B 330 38.31 28.60 -3.88
C SER B 330 38.83 29.99 -4.27
N GLY B 331 38.60 30.95 -3.39
CA GLY B 331 39.03 32.32 -3.66
C GLY B 331 38.18 32.88 -4.78
N SER B 332 36.98 32.34 -4.91
CA SER B 332 36.03 32.76 -5.93
C SER B 332 34.61 32.54 -5.41
N ASP B 333 33.62 32.84 -6.24
CA ASP B 333 32.23 32.64 -5.84
C ASP B 333 31.43 31.78 -6.82
N ARG B 334 32.13 30.92 -7.55
CA ARG B 334 31.51 30.03 -8.51
C ARG B 334 30.40 29.23 -7.84
N PHE B 335 30.68 28.78 -6.62
CA PHE B 335 29.74 27.97 -5.85
C PHE B 335 28.64 28.76 -5.16
N GLY B 336 28.42 30.00 -5.59
CA GLY B 336 27.40 30.82 -4.99
C GLY B 336 26.01 30.21 -5.07
N PHE B 337 25.74 29.52 -6.18
CA PHE B 337 24.45 28.87 -6.43
C PHE B 337 23.91 28.07 -5.23
N VAL B 338 24.82 27.54 -4.42
CA VAL B 338 24.46 26.76 -3.25
C VAL B 338 23.56 27.53 -2.29
N ALA B 339 23.79 28.83 -2.17
CA ALA B 339 23.01 29.68 -1.29
C ALA B 339 21.65 30.06 -1.88
N GLU B 340 21.55 30.01 -3.21
CA GLU B 340 20.31 30.37 -3.89
C GLU B 340 19.35 29.19 -4.07
N HIS B 341 19.91 27.98 -4.11
CA HIS B 341 19.11 26.78 -4.25
C HIS B 341 18.24 26.64 -3.01
N ARG B 342 17.06 26.06 -3.16
CA ARG B 342 16.18 25.89 -2.03
C ARG B 342 15.70 24.44 -1.96
N GLY B 343 15.72 23.89 -0.76
CA GLY B 343 15.28 22.52 -0.56
C GLY B 343 16.29 21.68 0.18
N MET B 344 16.12 20.36 0.07
CA MET B 344 16.98 19.40 0.73
C MET B 344 18.25 19.14 -0.08
N PHE B 345 18.12 19.18 -1.39
CA PHE B 345 19.23 18.89 -2.30
C PHE B 345 19.82 20.05 -3.05
N SER B 346 20.92 19.75 -3.72
CA SER B 346 21.65 20.69 -4.55
C SER B 346 22.67 19.86 -5.31
N ARG B 347 22.79 20.11 -6.60
CA ARG B 347 23.78 19.38 -7.40
C ARG B 347 24.99 20.30 -7.58
N LEU B 348 26.18 19.78 -7.30
CA LEU B 348 27.38 20.58 -7.43
C LEU B 348 27.78 20.74 -8.89
N GLY B 349 28.29 19.65 -9.47
CA GLY B 349 28.72 19.68 -10.87
C GLY B 349 29.78 18.62 -11.13
N ALA B 350 30.31 18.07 -10.05
CA ALA B 350 31.33 17.03 -10.15
C ALA B 350 30.92 15.90 -11.09
N THR B 351 31.85 15.50 -11.96
CA THR B 351 31.62 14.43 -12.91
C THR B 351 31.63 13.09 -12.18
N PRO B 352 31.10 12.02 -12.84
CA PRO B 352 31.05 10.68 -12.25
C PRO B 352 32.36 10.18 -11.64
N GLU B 353 33.46 10.36 -12.36
CA GLU B 353 34.76 9.92 -11.87
C GLU B 353 35.17 10.65 -10.59
N GLN B 354 34.93 11.96 -10.56
CA GLN B 354 35.27 12.79 -9.40
C GLN B 354 34.45 12.32 -8.21
N VAL B 355 33.14 12.18 -8.43
CA VAL B 355 32.21 11.73 -7.39
C VAL B 355 32.70 10.41 -6.78
N LYS B 356 33.04 9.45 -7.65
CA LYS B 356 33.51 8.15 -7.20
C LYS B 356 34.78 8.24 -6.35
N ARG B 357 35.76 9.03 -6.82
CA ARG B 357 37.00 9.20 -6.07
C ARG B 357 36.71 9.69 -4.66
N ILE B 358 35.83 10.68 -4.58
CA ILE B 358 35.44 11.29 -3.31
C ILE B 358 34.97 10.25 -2.27
N LYS B 359 34.07 9.38 -2.68
CA LYS B 359 33.54 8.36 -1.78
C LYS B 359 34.52 7.24 -1.42
N GLU B 360 35.25 6.75 -2.42
CA GLU B 360 36.20 5.65 -2.21
C GLU B 360 37.40 5.96 -1.32
N GLU B 361 37.60 7.23 -0.96
CA GLU B 361 38.73 7.60 -0.13
C GLU B 361 38.35 8.56 1.01
N PHE B 362 37.47 9.52 0.72
CA PHE B 362 37.04 10.49 1.71
C PHE B 362 35.86 9.98 2.54
N GLY B 363 35.26 8.89 2.08
CA GLY B 363 34.14 8.30 2.79
C GLY B 363 32.85 9.10 2.72
N ILE B 364 32.83 10.14 1.89
CA ILE B 364 31.63 10.98 1.75
C ILE B 364 30.84 10.57 0.50
N TYR B 365 29.66 10.01 0.74
CA TYR B 365 28.79 9.53 -0.32
C TYR B 365 27.72 10.51 -0.79
N MET B 366 27.74 10.81 -2.08
CA MET B 366 26.76 11.69 -2.71
C MET B 366 26.31 10.97 -3.97
N VAL B 367 25.07 11.19 -4.38
CA VAL B 367 24.53 10.52 -5.56
C VAL B 367 25.41 10.77 -6.77
N GLY B 368 25.53 9.75 -7.62
CA GLY B 368 26.37 9.80 -8.82
C GLY B 368 26.36 11.08 -9.66
N ASP B 369 25.24 11.78 -9.68
CA ASP B 369 25.13 13.02 -10.45
C ASP B 369 25.55 14.24 -9.64
N SER B 370 26.29 14.00 -8.55
CA SER B 370 26.78 15.03 -7.64
C SER B 370 25.68 15.68 -6.81
N ARG B 371 24.59 14.96 -6.56
CA ARG B 371 23.51 15.49 -5.75
C ARG B 371 23.89 15.27 -4.29
N ILE B 372 23.82 16.33 -3.49
CA ILE B 372 24.15 16.24 -2.08
C ILE B 372 22.96 16.67 -1.23
N ASN B 373 22.78 15.97 -0.12
CA ASN B 373 21.71 16.29 0.82
C ASN B 373 22.37 17.25 1.80
N ILE B 374 22.11 18.54 1.66
CA ILE B 374 22.73 19.52 2.55
C ILE B 374 22.42 19.27 4.02
N ALA B 375 21.30 18.62 4.30
CA ALA B 375 20.91 18.31 5.68
C ALA B 375 21.92 17.36 6.32
N GLY B 376 22.77 16.75 5.49
CA GLY B 376 23.77 15.82 5.98
C GLY B 376 25.04 16.52 6.46
N LEU B 377 25.12 17.83 6.26
CA LEU B 377 26.30 18.58 6.68
C LEU B 377 26.12 19.23 8.04
N ASN B 378 27.22 19.74 8.59
CA ASN B 378 27.25 20.44 9.86
C ASN B 378 28.56 21.20 9.96
N ASP B 379 28.75 21.94 11.05
CA ASP B 379 29.95 22.74 11.26
C ASP B 379 31.26 21.97 11.06
N ASN B 380 31.29 20.73 11.53
CA ASN B 380 32.48 19.88 11.43
C ASN B 380 32.73 19.40 10.00
N THR B 381 31.74 18.75 9.42
CA THR B 381 31.84 18.19 8.08
C THR B 381 31.86 19.17 6.89
N ILE B 382 31.32 20.37 7.08
CA ILE B 382 31.29 21.35 5.99
C ILE B 382 32.67 21.71 5.43
N PRO B 383 33.61 22.18 6.30
CA PRO B 383 34.94 22.50 5.78
C PRO B 383 35.62 21.28 5.16
N ILE B 384 35.37 20.11 5.75
CA ILE B 384 35.93 18.85 5.25
C ILE B 384 35.45 18.62 3.82
N LEU B 385 34.13 18.77 3.62
CA LEU B 385 33.54 18.60 2.29
C LEU B 385 34.14 19.62 1.35
N ALA B 386 34.09 20.89 1.75
CA ALA B 386 34.61 22.00 0.96
C ALA B 386 36.03 21.70 0.47
N ARG B 387 36.88 21.28 1.39
CA ARG B 387 38.26 20.95 1.05
C ARG B 387 38.32 19.76 0.11
N ALA B 388 37.48 18.75 0.39
CA ALA B 388 37.43 17.54 -0.41
C ALA B 388 37.10 17.82 -1.87
N ILE B 389 36.16 18.73 -2.12
CA ILE B 389 35.80 19.04 -3.50
C ILE B 389 36.94 19.82 -4.17
N ILE B 390 37.68 20.57 -3.37
CA ILE B 390 38.81 21.35 -3.88
C ILE B 390 39.90 20.39 -4.36
N GLU B 391 40.19 19.39 -3.54
CA GLU B 391 41.20 18.38 -3.85
C GLU B 391 40.81 17.52 -5.04
N VAL B 392 39.52 17.30 -5.21
CA VAL B 392 39.04 16.49 -6.34
C VAL B 392 39.09 17.35 -7.60
N GLY B 393 39.30 18.64 -7.42
CA GLY B 393 39.40 19.58 -8.53
C GLY B 393 38.30 19.50 -9.57
N VAL B 394 38.70 19.63 -10.84
CA VAL B 394 37.79 19.57 -11.98
C VAL B 394 38.60 19.81 -13.26
#